data_1C5D
#
_entry.id   1C5D
#
_cell.length_a   79.710
_cell.length_b   110.080
_cell.length_c   199.520
_cell.angle_alpha   90.00
_cell.angle_beta   90.00
_cell.angle_gamma   90.00
#
_symmetry.space_group_name_H-M   'C 2 2 21'
#
loop_
_entity.id
_entity.type
_entity.pdbx_description
1 polymer 'MONOCLONAL ANTIBODY AGAINST THE MAIN IMMUNOGENIC REGION OF THE HUMAN MUSCLE ACETYLCHOLINE RECEPTOR'
2 polymer 'MONOCLONAL ANTIBODY AGAINST THE MAIN IMMUNOGENIC REGION OF THE HUMAN MUSCLE ACETYLCHOLINE RECEPTOR'
3 water water
#
loop_
_entity_poly.entity_id
_entity_poly.type
_entity_poly.pdbx_seq_one_letter_code
_entity_poly.pdbx_strand_id
1 'polypeptide(L)'
;DIQMTQSPPSLSASLGDKVTITCQASQDINKYIAWYQQKPGKAPRQLIRYTSILVLGTPSRFSGSGSGRDFSFSISNVAS
EDIASYYCLQYGNLYTFGAGTKLEIKRADAAPTVSIFPPSTEQLATGGASVVCLMNNFYPRDISVKWKIDGTERRDGVLD
SVTDQDSKDSTYSMSSTLSLTKADYESHNLYTCEVVHKTSSSPVVKSFNRNEC
;
L,A
2 'polypeptide(L)'
;EVKLLESGPGLVQPSQTLSLTCTVSGFPLTTNGVSWVRQPPGKGLEWIAAISSGGSPYYNSALKSRLSINRDTSKSQVFL
KMNSLQTEDTAIYFCTREDGWNYFDYWGPGTMVTVSSAQTTAPSVYPLAPGCGDTTSSTVTLGCLVKGYFPEPVTVTWNS
GALSSDVHTFPAVLQSGLYTLTSSVTSSTWPSQTVTCNVAHPASSTKVDKKLERR
;
H,B
#
# COMPACT_ATOMS: atom_id res chain seq x y z
N ASP A 1 10.80 7.88 -43.71
CA ASP A 1 11.24 7.02 -42.58
C ASP A 1 10.35 5.78 -42.32
N ILE A 2 10.77 4.95 -41.36
CA ILE A 2 10.10 3.70 -40.96
C ILE A 2 8.82 3.90 -40.14
N GLN A 3 7.82 3.07 -40.39
CA GLN A 3 6.53 3.20 -39.71
C GLN A 3 6.29 2.19 -38.61
N MET A 4 5.73 2.64 -37.49
CA MET A 4 5.46 1.75 -36.35
C MET A 4 3.97 1.75 -36.06
N THR A 5 3.31 0.66 -36.50
CA THR A 5 1.88 0.49 -36.33
C THR A 5 1.55 -0.12 -34.97
N GLN A 6 1.16 0.72 -34.00
CA GLN A 6 0.83 0.21 -32.67
C GLN A 6 -0.63 -0.23 -32.50
N SER A 7 -0.86 -1.28 -31.71
CA SER A 7 -2.21 -1.80 -31.47
C SER A 7 -2.28 -2.44 -30.10
N PRO A 8 -3.40 -2.30 -29.39
CA PRO A 8 -4.61 -1.57 -29.79
C PRO A 8 -4.53 -0.07 -29.41
N PRO A 9 -5.42 0.77 -29.94
CA PRO A 9 -5.38 2.20 -29.58
C PRO A 9 -5.73 2.31 -28.11
N SER A 10 -6.74 1.55 -27.70
CA SER A 10 -7.13 1.55 -26.30
C SER A 10 -7.38 0.14 -25.78
N LEU A 11 -7.26 -0.01 -24.48
CA LEU A 11 -7.45 -1.30 -23.83
C LEU A 11 -8.17 -1.13 -22.49
N SER A 12 -9.24 -1.90 -22.30
CA SER A 12 -9.96 -1.86 -21.05
C SER A 12 -9.90 -3.27 -20.49
N ALA A 13 -8.83 -3.59 -19.76
CA ALA A 13 -8.68 -4.93 -19.21
C ALA A 13 -8.94 -5.02 -17.70
N SER A 14 -9.46 -6.16 -17.25
CA SER A 14 -9.75 -6.35 -15.85
C SER A 14 -8.46 -6.50 -15.07
N LEU A 15 -8.52 -6.13 -13.80
CA LEU A 15 -7.37 -6.24 -12.92
C LEU A 15 -6.83 -7.67 -13.04
N GLY A 16 -5.51 -7.84 -12.93
CA GLY A 16 -4.91 -9.16 -13.00
C GLY A 16 -4.88 -9.86 -14.36
N ASP A 17 -5.47 -9.26 -15.39
CA ASP A 17 -5.47 -9.81 -16.76
C ASP A 17 -4.02 -9.76 -17.24
N LYS A 18 -3.73 -10.38 -18.39
CA LYS A 18 -2.39 -10.27 -18.95
C LYS A 18 -2.66 -9.45 -20.20
N VAL A 19 -2.04 -8.28 -20.32
CA VAL A 19 -2.27 -7.43 -21.50
C VAL A 19 -1.08 -7.45 -22.45
N THR A 20 -1.35 -7.25 -23.73
CA THR A 20 -0.24 -7.24 -24.66
C THR A 20 -0.50 -6.12 -25.62
N ILE A 21 0.49 -5.25 -25.77
CA ILE A 21 0.39 -4.11 -26.66
C ILE A 21 1.42 -4.43 -27.71
N THR A 22 1.01 -4.27 -28.97
CA THR A 22 1.80 -4.64 -30.14
C THR A 22 2.21 -3.49 -31.05
N CYS A 23 3.33 -3.66 -31.74
CA CYS A 23 3.84 -2.69 -32.69
C CYS A 23 4.48 -3.48 -33.84
N GLN A 24 4.19 -3.08 -35.07
CA GLN A 24 4.74 -3.76 -36.24
C GLN A 24 5.49 -2.74 -37.08
N ALA A 25 6.78 -2.96 -37.25
CA ALA A 25 7.61 -2.06 -38.03
C ALA A 25 7.29 -2.33 -39.48
N SER A 26 7.44 -1.31 -40.31
CA SER A 26 7.19 -1.43 -41.75
C SER A 26 8.41 -2.06 -42.44
N GLN A 27 9.56 -2.01 -41.74
CA GLN A 27 10.80 -2.52 -42.25
C GLN A 27 11.47 -3.20 -41.09
N ASP A 28 12.50 -4.00 -41.38
CA ASP A 28 13.21 -4.68 -40.32
C ASP A 28 14.01 -3.70 -39.51
N ILE A 29 13.86 -3.79 -38.19
CA ILE A 29 14.58 -2.91 -37.26
C ILE A 29 15.50 -3.75 -36.38
N ASN A 30 15.62 -5.03 -36.71
CA ASN A 30 16.44 -5.96 -35.96
C ASN A 30 15.76 -6.10 -34.58
N LYS A 31 16.47 -5.77 -33.51
CA LYS A 31 15.88 -5.85 -32.18
C LYS A 31 15.81 -4.46 -31.52
N TYR A 32 15.97 -3.42 -32.33
CA TYR A 32 15.98 -2.02 -31.89
C TYR A 32 14.61 -1.41 -31.66
N ILE A 33 13.90 -1.98 -30.69
CA ILE A 33 12.58 -1.51 -30.30
C ILE A 33 12.61 -1.23 -28.78
N ALA A 34 12.07 -0.08 -28.37
CA ALA A 34 12.02 0.26 -26.95
C ALA A 34 10.56 0.59 -26.61
N TRP A 35 10.16 0.31 -25.37
CA TRP A 35 8.80 0.58 -24.93
C TRP A 35 8.77 1.62 -23.81
N TYR A 36 7.75 2.48 -23.83
CA TYR A 36 7.58 3.53 -22.83
C TYR A 36 6.21 3.56 -22.18
N GLN A 37 6.18 4.13 -20.99
CA GLN A 37 4.96 4.32 -20.23
C GLN A 37 4.84 5.79 -19.87
N GLN A 38 3.66 6.35 -20.00
CA GLN A 38 3.46 7.75 -19.65
C GLN A 38 2.22 7.90 -18.78
N LYS A 39 2.42 8.51 -17.61
CA LYS A 39 1.33 8.79 -16.67
C LYS A 39 0.98 10.26 -16.91
N PRO A 40 -0.29 10.63 -16.71
CA PRO A 40 -0.77 11.99 -16.92
C PRO A 40 0.16 13.12 -16.48
N GLY A 41 0.40 14.04 -17.41
CA GLY A 41 1.25 15.17 -17.14
C GLY A 41 2.73 14.89 -16.88
N LYS A 42 3.19 13.70 -17.22
CA LYS A 42 4.59 13.40 -16.97
C LYS A 42 5.33 12.99 -18.22
N ALA A 43 6.66 13.03 -18.15
CA ALA A 43 7.48 12.65 -19.28
C ALA A 43 7.42 11.15 -19.43
N PRO A 44 7.64 10.67 -20.65
CA PRO A 44 7.62 9.23 -20.99
C PRO A 44 8.69 8.44 -20.23
N ARG A 45 8.30 7.30 -19.68
CA ARG A 45 9.21 6.45 -18.92
C ARG A 45 9.57 5.21 -19.73
N GLN A 46 10.86 4.92 -19.87
CA GLN A 46 11.30 3.73 -20.60
C GLN A 46 11.22 2.48 -19.73
N LEU A 47 10.51 1.47 -20.21
CA LEU A 47 10.30 0.23 -19.48
C LEU A 47 11.13 -0.94 -20.00
N ILE A 48 11.25 -1.00 -21.33
CA ILE A 48 11.94 -2.05 -22.02
C ILE A 48 12.77 -1.49 -23.16
N ARG A 49 14.00 -1.97 -23.28
CA ARG A 49 14.93 -1.57 -24.34
C ARG A 49 15.38 -2.84 -25.06
N TYR A 50 15.89 -2.70 -26.28
CA TYR A 50 16.34 -3.85 -27.06
C TYR A 50 15.31 -5.00 -27.02
N THR A 51 14.11 -4.70 -27.48
CA THR A 51 13.02 -5.66 -27.53
C THR A 51 12.57 -6.30 -26.21
N SER A 52 13.53 -6.78 -25.42
CA SER A 52 13.18 -7.47 -24.21
C SER A 52 14.00 -7.12 -22.96
N ILE A 53 15.03 -6.32 -23.12
CA ILE A 53 15.84 -5.99 -21.96
C ILE A 53 15.07 -5.03 -21.05
N LEU A 54 14.74 -5.50 -19.86
CA LEU A 54 14.01 -4.71 -18.85
C LEU A 54 14.91 -3.63 -18.26
N VAL A 55 14.65 -2.35 -18.53
CA VAL A 55 15.49 -1.33 -17.90
C VAL A 55 15.12 -1.32 -16.42
N LEU A 56 16.13 -1.13 -15.58
CA LEU A 56 15.92 -1.18 -14.15
C LEU A 56 14.80 -0.28 -13.59
N GLY A 57 13.85 -0.92 -12.93
CA GLY A 57 12.72 -0.20 -12.38
C GLY A 57 11.44 -0.86 -12.84
N THR A 58 11.46 -1.34 -14.09
CA THR A 58 10.30 -2.00 -14.65
C THR A 58 10.12 -3.32 -13.91
N PRO A 59 8.93 -3.54 -13.32
CA PRO A 59 8.66 -4.78 -12.58
C PRO A 59 8.72 -6.03 -13.44
N SER A 60 9.03 -7.13 -12.78
CA SER A 60 9.16 -8.43 -13.43
C SER A 60 7.93 -8.80 -14.25
N ARG A 61 6.76 -8.31 -13.87
CA ARG A 61 5.56 -8.66 -14.61
C ARG A 61 5.54 -8.07 -16.02
N PHE A 62 6.54 -7.26 -16.32
CA PHE A 62 6.64 -6.66 -17.65
C PHE A 62 7.61 -7.49 -18.48
N SER A 63 7.35 -7.57 -19.78
CA SER A 63 8.21 -8.32 -20.68
C SER A 63 8.02 -7.84 -22.11
N GLY A 64 9.12 -7.76 -22.84
CA GLY A 64 9.08 -7.34 -24.23
C GLY A 64 9.50 -8.51 -25.08
N SER A 65 8.92 -8.61 -26.26
CA SER A 65 9.24 -9.70 -27.17
C SER A 65 8.98 -9.29 -28.62
N GLY A 66 9.39 -10.13 -29.57
CA GLY A 66 9.19 -9.84 -30.99
C GLY A 66 10.20 -10.39 -31.99
N SER A 67 9.77 -10.53 -33.24
CA SER A 67 10.64 -11.07 -34.28
C SER A 67 10.73 -10.23 -35.58
N GLY A 68 11.79 -9.43 -35.68
CA GLY A 68 12.05 -8.62 -36.87
C GLY A 68 11.17 -7.44 -37.26
N ARG A 69 9.86 -7.69 -37.39
CA ARG A 69 8.90 -6.64 -37.75
C ARG A 69 7.67 -6.71 -36.86
N ASP A 70 7.60 -7.76 -36.05
CA ASP A 70 6.49 -7.99 -35.16
C ASP A 70 7.03 -7.92 -33.75
N PHE A 71 6.52 -6.99 -32.94
CA PHE A 71 6.93 -6.86 -31.54
C PHE A 71 5.73 -6.52 -30.66
N SER A 72 5.88 -6.77 -29.37
CA SER A 72 4.85 -6.47 -28.41
C SER A 72 5.47 -6.48 -27.02
N PHE A 73 4.78 -5.91 -26.06
CA PHE A 73 5.27 -5.93 -24.69
C PHE A 73 4.07 -6.44 -23.90
N SER A 74 4.33 -7.23 -22.86
CA SER A 74 3.26 -7.83 -22.05
C SER A 74 3.35 -7.54 -20.56
N ILE A 75 2.18 -7.45 -19.93
CA ILE A 75 2.06 -7.21 -18.49
C ILE A 75 1.33 -8.44 -17.96
N SER A 76 2.04 -9.27 -17.21
CA SER A 76 1.46 -10.52 -16.68
C SER A 76 0.27 -10.37 -15.72
N ASN A 77 0.29 -9.33 -14.89
CA ASN A 77 -0.81 -9.09 -13.94
C ASN A 77 -1.06 -7.59 -13.91
N VAL A 78 -1.86 -7.09 -14.85
CA VAL A 78 -2.14 -5.68 -14.86
C VAL A 78 -2.57 -5.24 -13.47
N ALA A 79 -1.81 -4.30 -12.95
CA ALA A 79 -2.05 -3.72 -11.63
C ALA A 79 -2.59 -2.32 -11.91
N SER A 80 -3.38 -1.81 -10.96
CA SER A 80 -3.95 -0.48 -11.09
C SER A 80 -2.88 0.54 -11.47
N GLU A 81 -1.70 0.42 -10.87
CA GLU A 81 -0.58 1.32 -11.11
C GLU A 81 -0.06 1.29 -12.55
N ASP A 82 -0.56 0.35 -13.34
CA ASP A 82 -0.13 0.18 -14.73
C ASP A 82 -1.01 0.97 -15.67
N ILE A 83 -2.06 1.56 -15.12
CA ILE A 83 -3.01 2.39 -15.87
C ILE A 83 -2.20 3.58 -16.39
N ALA A 84 -2.22 3.78 -17.71
CA ALA A 84 -1.45 4.83 -18.35
C ALA A 84 -1.51 4.61 -19.86
N SER A 85 -0.58 5.21 -20.59
CA SER A 85 -0.52 5.05 -22.05
C SER A 85 0.84 4.42 -22.34
N TYR A 86 1.00 3.81 -23.51
CA TYR A 86 2.26 3.18 -23.84
C TYR A 86 2.69 3.38 -25.27
N TYR A 87 3.99 3.51 -25.50
CA TYR A 87 4.50 3.73 -26.84
C TYR A 87 5.71 2.86 -27.15
N CYS A 88 5.78 2.40 -28.39
CA CYS A 88 6.94 1.61 -28.79
C CYS A 88 7.76 2.63 -29.52
N LEU A 89 9.05 2.38 -29.64
CA LEU A 89 9.95 3.28 -30.37
C LEU A 89 11.00 2.46 -31.13
N GLN A 90 11.08 2.63 -32.44
CA GLN A 90 12.10 1.93 -33.18
C GLN A 90 13.22 2.93 -33.27
N TYR A 91 14.42 2.52 -32.89
CA TYR A 91 15.55 3.41 -32.98
C TYR A 91 16.56 2.73 -33.87
N GLY A 92 16.04 1.89 -34.76
CA GLY A 92 16.88 1.15 -35.68
C GLY A 92 17.42 2.06 -36.76
N ASN A 93 16.54 2.83 -37.37
CA ASN A 93 16.97 3.78 -38.38
C ASN A 93 16.18 5.02 -38.04
N LEU A 94 16.90 6.06 -37.61
CA LEU A 94 16.26 7.29 -37.16
C LEU A 94 15.39 6.88 -35.97
N TYR A 95 14.19 7.45 -35.83
CA TYR A 95 13.31 7.08 -34.73
C TYR A 95 11.84 7.25 -35.10
N THR A 96 11.00 6.39 -34.53
CA THR A 96 9.56 6.43 -34.79
C THR A 96 8.81 5.96 -33.57
N PHE A 97 7.77 6.68 -33.18
CA PHE A 97 6.96 6.28 -32.04
C PHE A 97 5.69 5.72 -32.58
N GLY A 98 5.20 4.63 -32.00
CA GLY A 98 3.92 4.11 -32.45
C GLY A 98 2.87 5.12 -31.97
N ALA A 99 1.65 5.00 -32.48
CA ALA A 99 0.56 5.91 -32.09
C ALA A 99 0.21 5.90 -30.60
N GLY A 100 0.64 4.87 -29.89
CA GLY A 100 0.34 4.79 -28.47
C GLY A 100 -0.88 3.93 -28.20
N THR A 101 -1.02 3.50 -26.95
CA THR A 101 -2.14 2.65 -26.51
C THR A 101 -2.55 3.08 -25.11
N LYS A 102 -3.86 3.28 -24.93
CA LYS A 102 -4.42 3.69 -23.65
C LYS A 102 -4.87 2.49 -22.81
N LEU A 103 -4.21 2.26 -21.68
CA LEU A 103 -4.58 1.15 -20.82
C LEU A 103 -5.42 1.60 -19.64
N GLU A 104 -6.67 1.19 -19.64
CA GLU A 104 -7.57 1.52 -18.56
C GLU A 104 -8.02 0.17 -18.04
N ILE A 105 -8.31 0.10 -16.76
CA ILE A 105 -8.71 -1.16 -16.15
C ILE A 105 -10.18 -1.17 -15.72
N LYS A 106 -10.78 -2.36 -15.63
CA LYS A 106 -12.16 -2.49 -15.18
C LYS A 106 -12.17 -2.65 -13.66
N ARG A 107 -13.16 -2.02 -13.03
CA ARG A 107 -13.28 -1.99 -11.59
C ARG A 107 -14.73 -2.16 -11.13
N ALA A 108 -14.93 -2.43 -9.85
CA ALA A 108 -16.30 -2.55 -9.35
C ALA A 108 -16.87 -1.14 -9.39
N ASP A 109 -18.19 -1.06 -9.50
CA ASP A 109 -18.88 0.22 -9.56
C ASP A 109 -18.60 1.03 -8.30
N ALA A 110 -18.43 2.34 -8.48
CA ALA A 110 -18.16 3.26 -7.39
C ALA A 110 -18.92 4.55 -7.65
N ALA A 111 -19.88 4.83 -6.78
CA ALA A 111 -20.69 6.03 -6.89
C ALA A 111 -19.84 7.23 -6.53
N PRO A 112 -20.08 8.37 -7.19
CA PRO A 112 -19.34 9.61 -6.98
C PRO A 112 -19.72 10.38 -5.72
N THR A 113 -18.74 11.07 -5.15
CA THR A 113 -18.95 11.91 -3.99
C THR A 113 -19.17 13.29 -4.61
N VAL A 114 -20.42 13.75 -4.61
CA VAL A 114 -20.79 15.05 -5.19
C VAL A 114 -20.72 16.23 -4.19
N SER A 115 -20.05 17.30 -4.60
CA SER A 115 -19.89 18.50 -3.78
C SER A 115 -20.18 19.74 -4.61
N ILE A 116 -21.00 20.66 -4.10
CA ILE A 116 -21.28 21.89 -4.81
C ILE A 116 -20.72 23.10 -4.04
N PHE A 117 -20.14 24.06 -4.76
CA PHE A 117 -19.58 25.27 -4.12
C PHE A 117 -20.09 26.57 -4.76
N PRO A 118 -20.64 27.48 -3.94
CA PRO A 118 -21.16 28.77 -4.40
C PRO A 118 -19.99 29.68 -4.75
N PRO A 119 -20.19 30.67 -5.63
CA PRO A 119 -19.07 31.58 -5.99
C PRO A 119 -18.43 32.34 -4.82
N SER A 120 -17.20 32.80 -5.04
CA SER A 120 -16.54 33.58 -4.00
C SER A 120 -17.06 35.00 -4.19
N THR A 121 -17.04 35.78 -3.12
CA THR A 121 -17.49 37.18 -3.18
C THR A 121 -16.40 38.00 -3.87
N GLU A 122 -15.15 37.57 -3.72
CA GLU A 122 -14.03 38.27 -4.33
C GLU A 122 -14.22 38.25 -5.84
N GLN A 123 -14.95 37.24 -6.32
CA GLN A 123 -15.24 37.08 -7.73
C GLN A 123 -16.45 37.91 -8.14
N LEU A 124 -17.50 37.84 -7.32
CA LEU A 124 -18.71 38.62 -7.59
C LEU A 124 -18.28 40.08 -7.62
N ALA A 125 -17.35 40.45 -6.74
CA ALA A 125 -16.84 41.82 -6.70
C ALA A 125 -16.26 42.15 -8.07
N THR A 126 -16.14 41.12 -8.89
CA THR A 126 -15.55 41.18 -10.23
C THR A 126 -16.56 41.31 -11.37
N GLY A 127 -17.81 40.96 -11.08
CA GLY A 127 -18.84 41.06 -12.10
C GLY A 127 -19.28 39.72 -12.63
N GLY A 128 -18.51 38.68 -12.31
CA GLY A 128 -18.84 37.35 -12.78
C GLY A 128 -19.16 36.38 -11.65
N ALA A 129 -19.56 35.16 -12.01
CA ALA A 129 -19.86 34.15 -11.01
C ALA A 129 -19.62 32.74 -11.54
N SER A 130 -18.91 31.93 -10.76
CA SER A 130 -18.66 30.53 -11.14
C SER A 130 -19.05 29.63 -9.96
N VAL A 131 -19.96 28.70 -10.24
CA VAL A 131 -20.42 27.71 -9.26
C VAL A 131 -19.81 26.37 -9.67
N VAL A 132 -19.11 25.73 -8.74
CA VAL A 132 -18.45 24.47 -9.02
C VAL A 132 -19.09 23.21 -8.44
N CYS A 133 -19.21 22.20 -9.30
CA CYS A 133 -19.74 20.91 -8.90
C CYS A 133 -18.66 19.80 -9.08
N LEU A 134 -18.51 18.99 -8.05
CA LEU A 134 -17.50 17.94 -8.07
C LEU A 134 -18.03 16.53 -7.88
N MET A 135 -17.69 15.65 -8.81
CA MET A 135 -18.08 14.25 -8.74
C MET A 135 -16.73 13.53 -8.69
N ASN A 136 -16.29 13.20 -7.49
CA ASN A 136 -15.00 12.58 -7.30
C ASN A 136 -15.01 11.09 -7.05
N ASN A 137 -14.00 10.43 -7.60
CA ASN A 137 -13.79 9.00 -7.43
C ASN A 137 -14.95 8.09 -7.79
N PHE A 138 -15.30 8.04 -9.06
CA PHE A 138 -16.37 7.15 -9.47
C PHE A 138 -15.99 6.18 -10.59
N TYR A 139 -16.78 5.12 -10.68
CA TYR A 139 -16.61 4.13 -11.73
C TYR A 139 -18.01 3.57 -11.99
N PRO A 140 -18.38 3.41 -13.27
CA PRO A 140 -17.66 3.69 -14.52
C PRO A 140 -17.51 5.14 -14.93
N ARG A 141 -16.75 5.36 -15.99
CA ARG A 141 -16.47 6.68 -16.54
C ARG A 141 -17.70 7.44 -16.99
N ASP A 142 -18.68 6.70 -17.52
CA ASP A 142 -19.89 7.35 -18.00
C ASP A 142 -20.70 8.00 -16.90
N ILE A 143 -20.93 9.30 -17.07
CA ILE A 143 -21.68 10.10 -16.10
C ILE A 143 -22.24 11.34 -16.76
N SER A 144 -23.46 11.71 -16.38
CA SER A 144 -24.08 12.91 -16.92
C SER A 144 -24.25 13.90 -15.77
N VAL A 145 -23.98 15.18 -16.05
CA VAL A 145 -24.09 16.23 -15.03
C VAL A 145 -24.69 17.51 -15.63
N LYS A 146 -25.89 17.87 -15.18
CA LYS A 146 -26.55 19.09 -15.67
C LYS A 146 -26.83 20.12 -14.58
N TRP A 147 -26.93 21.38 -14.95
CA TRP A 147 -27.23 22.42 -13.97
C TRP A 147 -28.69 22.82 -14.04
N LYS A 148 -29.35 22.77 -12.90
CA LYS A 148 -30.75 23.17 -12.78
C LYS A 148 -30.77 24.49 -11.97
N ILE A 149 -31.18 25.59 -12.61
CA ILE A 149 -31.26 26.86 -11.88
C ILE A 149 -32.71 27.26 -11.67
N ASP A 150 -33.13 27.24 -10.41
CA ASP A 150 -34.51 27.57 -10.06
C ASP A 150 -35.47 26.64 -10.83
N GLY A 151 -34.99 25.42 -11.12
CA GLY A 151 -35.80 24.43 -11.82
C GLY A 151 -35.65 24.42 -13.33
N THR A 152 -34.61 25.09 -13.82
CA THR A 152 -34.37 25.18 -15.24
C THR A 152 -32.94 24.84 -15.64
N GLU A 153 -32.81 23.85 -16.51
CA GLU A 153 -31.50 23.44 -16.98
C GLU A 153 -30.79 24.61 -17.66
N ARG A 154 -29.55 24.81 -17.21
CA ARG A 154 -28.70 25.85 -17.75
C ARG A 154 -27.61 25.10 -18.52
N ARG A 155 -27.64 25.21 -19.84
CA ARG A 155 -26.66 24.53 -20.68
C ARG A 155 -25.49 25.46 -20.95
N ASP A 156 -25.79 26.75 -20.92
CA ASP A 156 -24.83 27.80 -21.19
C ASP A 156 -23.92 28.11 -20.03
N GLY A 157 -22.63 28.26 -20.33
CA GLY A 157 -21.66 28.59 -19.30
C GLY A 157 -21.11 27.40 -18.56
N VAL A 158 -21.44 26.20 -19.02
CA VAL A 158 -20.92 25.02 -18.36
C VAL A 158 -19.67 24.46 -19.03
N LEU A 159 -18.63 24.30 -18.22
CA LEU A 159 -17.35 23.76 -18.65
C LEU A 159 -17.10 22.52 -17.81
N ASP A 160 -17.07 21.36 -18.46
CA ASP A 160 -16.83 20.09 -17.77
C ASP A 160 -15.43 19.58 -18.03
N SER A 161 -14.85 18.89 -17.06
CA SER A 161 -13.54 18.34 -17.25
C SER A 161 -13.35 17.08 -16.45
N VAL A 162 -13.25 15.93 -17.13
CA VAL A 162 -13.07 14.66 -16.45
C VAL A 162 -11.61 14.29 -16.39
N THR A 163 -11.27 13.60 -15.32
CA THR A 163 -9.92 13.16 -15.05
C THR A 163 -9.55 11.89 -15.84
N ASP A 164 -8.27 11.58 -15.89
CA ASP A 164 -7.83 10.37 -16.55
C ASP A 164 -7.82 9.32 -15.44
N GLN A 165 -8.45 8.17 -15.70
CA GLN A 165 -8.54 7.11 -14.69
C GLN A 165 -7.35 7.07 -13.74
N ASP A 166 -7.59 7.28 -12.46
CA ASP A 166 -6.52 7.25 -11.49
C ASP A 166 -6.00 5.83 -11.41
N SER A 167 -4.69 5.68 -11.57
CA SER A 167 -4.09 4.38 -11.51
C SER A 167 -4.02 4.02 -10.04
N LYS A 168 -4.35 4.99 -9.19
CA LYS A 168 -4.30 4.74 -7.78
C LYS A 168 -5.52 3.97 -7.32
N ASP A 169 -6.67 4.22 -7.95
CA ASP A 169 -7.90 3.55 -7.55
C ASP A 169 -8.85 3.14 -8.67
N SER A 170 -8.38 3.16 -9.91
CA SER A 170 -9.21 2.77 -11.07
C SER A 170 -10.50 3.57 -11.22
N THR A 171 -10.57 4.75 -10.58
CA THR A 171 -11.74 5.60 -10.66
C THR A 171 -11.47 6.84 -11.50
N TYR A 172 -12.54 7.55 -11.81
CA TYR A 172 -12.48 8.80 -12.54
C TYR A 172 -13.02 9.89 -11.60
N SER A 173 -12.79 11.14 -11.97
CA SER A 173 -13.29 12.27 -11.20
C SER A 173 -13.69 13.36 -12.17
N MET A 174 -14.74 14.08 -11.85
CA MET A 174 -15.21 15.12 -12.74
C MET A 174 -15.50 16.43 -12.03
N SER A 175 -15.28 17.50 -12.80
CA SER A 175 -15.47 18.87 -12.37
C SER A 175 -16.38 19.59 -13.35
N SER A 176 -17.37 20.28 -12.79
CA SER A 176 -18.31 21.04 -13.60
C SER A 176 -18.33 22.44 -13.08
N THR A 177 -18.14 23.39 -13.97
CA THR A 177 -18.15 24.78 -13.57
C THR A 177 -19.13 25.60 -14.39
N LEU A 178 -20.16 26.09 -13.72
CA LEU A 178 -21.18 26.94 -14.32
C LEU A 178 -20.80 28.39 -14.10
N SER A 179 -20.61 29.13 -15.19
CA SER A 179 -20.26 30.55 -15.11
C SER A 179 -21.35 31.43 -15.71
N LEU A 180 -21.55 32.59 -15.10
CA LEU A 180 -22.54 33.56 -15.59
C LEU A 180 -22.14 34.94 -15.07
N THR A 181 -22.96 35.95 -15.32
CA THR A 181 -22.66 37.29 -14.80
C THR A 181 -23.20 37.30 -13.37
N LYS A 182 -22.65 38.15 -12.51
CA LYS A 182 -23.14 38.25 -11.14
C LYS A 182 -24.57 38.74 -11.30
N ALA A 183 -24.76 39.57 -12.33
CA ALA A 183 -26.09 40.09 -12.63
C ALA A 183 -26.97 38.85 -12.66
N ASP A 184 -26.78 38.05 -13.70
CA ASP A 184 -27.50 36.81 -13.89
C ASP A 184 -27.54 35.95 -12.62
N TYR A 185 -26.38 35.78 -11.98
CA TYR A 185 -26.29 34.95 -10.78
C TYR A 185 -27.21 35.35 -9.63
N GLU A 186 -27.05 36.58 -9.15
CA GLU A 186 -27.84 37.10 -8.02
C GLU A 186 -29.31 37.30 -8.36
N SER A 187 -29.65 37.07 -9.62
CA SER A 187 -31.02 37.21 -10.07
C SER A 187 -31.77 35.86 -9.98
N HIS A 188 -31.14 34.86 -9.37
CA HIS A 188 -31.71 33.51 -9.22
C HIS A 188 -31.53 32.97 -7.82
N ASN A 189 -32.23 31.91 -7.45
CA ASN A 189 -32.11 31.45 -6.08
C ASN A 189 -31.52 30.12 -5.75
N LEU A 190 -32.06 29.09 -6.42
CA LEU A 190 -31.67 27.69 -6.23
C LEU A 190 -30.75 27.17 -7.34
N TYR A 191 -29.62 26.62 -6.91
CA TYR A 191 -28.63 26.06 -7.81
C TYR A 191 -28.49 24.60 -7.45
N THR A 192 -28.86 23.73 -8.39
CA THR A 192 -28.80 22.26 -8.23
C THR A 192 -27.82 21.60 -9.21
N CYS A 193 -27.00 20.68 -8.70
CA CYS A 193 -26.06 19.96 -9.55
C CYS A 193 -26.69 18.79 -10.33
N GLU A 194 -27.27 17.82 -9.65
CA GLU A 194 -27.89 16.68 -10.33
C GLU A 194 -26.96 15.79 -11.21
N VAL A 195 -26.54 14.67 -10.62
CA VAL A 195 -25.66 13.71 -11.24
C VAL A 195 -26.38 12.41 -11.59
N VAL A 196 -26.30 12.00 -12.85
CA VAL A 196 -26.95 10.75 -13.27
C VAL A 196 -25.91 9.67 -13.56
N HIS A 197 -25.79 8.74 -12.63
CA HIS A 197 -24.84 7.66 -12.76
C HIS A 197 -25.54 6.37 -12.43
N LYS A 198 -25.15 5.31 -13.13
CA LYS A 198 -25.76 4.01 -12.92
C LYS A 198 -25.68 3.53 -11.47
N THR A 199 -24.98 4.26 -10.62
CA THR A 199 -24.87 3.83 -9.25
C THR A 199 -25.99 4.31 -8.37
N SER A 200 -26.92 5.08 -8.93
CA SER A 200 -28.01 5.65 -8.15
C SER A 200 -29.44 5.09 -8.24
N SER A 201 -30.06 5.17 -9.42
CA SER A 201 -31.43 4.73 -9.61
C SER A 201 -32.23 6.01 -9.68
N SER A 202 -31.89 6.90 -8.75
CA SER A 202 -32.49 8.22 -8.62
C SER A 202 -31.31 9.17 -8.78
N PRO A 203 -31.48 10.22 -9.57
CA PRO A 203 -30.34 11.14 -9.73
C PRO A 203 -29.88 11.68 -8.39
N VAL A 204 -28.61 12.05 -8.35
CA VAL A 204 -28.02 12.63 -7.15
C VAL A 204 -28.05 14.14 -7.36
N VAL A 205 -28.78 14.86 -6.51
CA VAL A 205 -28.88 16.31 -6.56
C VAL A 205 -28.14 16.96 -5.38
N LYS A 206 -27.41 18.02 -5.67
CA LYS A 206 -26.68 18.71 -4.63
C LYS A 206 -26.98 20.17 -4.92
N SER A 207 -27.59 20.86 -3.95
CA SER A 207 -27.99 22.26 -4.12
C SER A 207 -27.66 23.17 -2.97
N PHE A 208 -27.63 24.46 -3.29
CA PHE A 208 -27.37 25.53 -2.32
C PHE A 208 -28.24 26.73 -2.72
N ASN A 209 -28.68 27.51 -1.74
CA ASN A 209 -29.49 28.68 -2.06
C ASN A 209 -28.66 29.94 -1.87
N ARG A 210 -28.68 30.79 -2.90
CA ARG A 210 -27.95 32.05 -2.90
C ARG A 210 -28.42 32.92 -1.75
N ASN A 211 -29.69 32.79 -1.40
CA ASN A 211 -30.24 33.55 -0.28
C ASN A 211 -29.90 32.72 0.96
N GLU A 212 -28.64 32.73 1.34
CA GLU A 212 -28.18 31.98 2.50
C GLU A 212 -26.66 32.04 2.64
N CYS A 213 -26.00 32.76 1.74
CA CYS A 213 -24.55 32.91 1.76
C CYS A 213 -24.18 34.19 2.48
N GLU B 1 22.51 12.05 -11.63
CA GLU B 1 22.73 13.51 -11.86
C GLU B 1 22.59 13.82 -13.34
N VAL B 2 22.22 12.80 -14.12
CA VAL B 2 22.02 12.99 -15.55
C VAL B 2 20.66 13.69 -15.66
N LYS B 3 20.64 14.88 -16.27
CA LYS B 3 19.41 15.67 -16.39
C LYS B 3 19.34 16.56 -17.64
N LEU B 4 18.12 16.87 -18.02
CA LEU B 4 17.84 17.70 -19.18
C LEU B 4 16.67 18.63 -18.90
N LEU B 5 16.76 19.85 -19.42
CA LEU B 5 15.72 20.89 -19.25
C LEU B 5 15.45 21.69 -20.52
N GLU B 6 14.18 21.64 -20.94
CA GLU B 6 13.70 22.34 -22.13
C GLU B 6 13.28 23.71 -21.65
N SER B 7 13.59 24.74 -22.44
CA SER B 7 13.24 26.10 -22.06
C SER B 7 12.97 26.94 -23.27
N GLY B 8 12.02 27.87 -23.15
CA GLY B 8 11.70 28.76 -24.26
C GLY B 8 10.34 29.42 -24.27
N PRO B 9 10.17 30.48 -25.07
CA PRO B 9 8.87 31.17 -25.16
C PRO B 9 7.75 30.14 -25.39
N GLY B 10 6.79 30.11 -24.49
CA GLY B 10 5.72 29.13 -24.56
C GLY B 10 4.42 29.49 -25.25
N LEU B 11 4.44 30.61 -25.97
CA LEU B 11 3.26 31.08 -26.70
C LEU B 11 3.80 31.62 -28.01
N VAL B 12 3.23 31.20 -29.13
CA VAL B 12 3.71 31.72 -30.41
C VAL B 12 2.56 31.98 -31.36
N GLN B 13 2.74 32.98 -32.22
CA GLN B 13 1.72 33.36 -33.18
C GLN B 13 1.74 32.51 -34.44
N PRO B 14 0.55 32.09 -34.89
CA PRO B 14 0.48 31.28 -36.11
C PRO B 14 1.38 31.89 -37.19
N SER B 15 2.15 31.03 -37.86
CA SER B 15 3.06 31.45 -38.93
C SER B 15 4.38 32.01 -38.41
N GLN B 16 4.49 32.07 -37.09
CA GLN B 16 5.71 32.56 -36.46
C GLN B 16 6.63 31.37 -36.16
N THR B 17 7.92 31.63 -36.11
CA THR B 17 8.90 30.60 -35.83
C THR B 17 9.05 30.45 -34.32
N LEU B 18 9.26 29.24 -33.83
CA LEU B 18 9.44 29.08 -32.40
C LEU B 18 10.91 28.83 -32.11
N SER B 19 11.40 29.34 -30.98
CA SER B 19 12.79 29.18 -30.60
C SER B 19 12.89 28.47 -29.26
N LEU B 20 13.41 27.24 -29.26
CA LEU B 20 13.54 26.50 -28.01
C LEU B 20 14.96 26.06 -27.70
N THR B 21 15.18 25.75 -26.43
CA THR B 21 16.50 25.31 -25.96
C THR B 21 16.39 24.12 -25.02
N CYS B 22 17.33 23.20 -25.12
CA CYS B 22 17.33 22.06 -24.24
C CYS B 22 18.71 22.09 -23.61
N THR B 23 18.75 22.19 -22.28
CA THR B 23 20.01 22.24 -21.58
C THR B 23 20.29 20.91 -20.91
N VAL B 24 21.50 20.42 -21.15
CA VAL B 24 21.93 19.15 -20.64
C VAL B 24 22.67 19.23 -19.29
N SER B 25 22.68 18.13 -18.53
CA SER B 25 23.33 18.11 -17.23
C SER B 25 24.50 17.15 -17.04
N GLY B 26 24.28 16.13 -16.21
CA GLY B 26 25.33 15.16 -15.89
C GLY B 26 25.92 14.31 -16.99
N PHE B 27 26.18 14.91 -18.17
CA PHE B 27 26.75 14.22 -19.33
C PHE B 27 27.07 15.24 -20.45
N PRO B 28 28.07 14.95 -21.30
CA PRO B 28 28.45 15.87 -22.37
C PRO B 28 27.79 15.63 -23.72
N LEU B 29 27.47 16.72 -24.40
CA LEU B 29 26.87 16.62 -25.71
C LEU B 29 27.96 16.15 -26.68
N THR B 30 29.20 16.11 -26.17
CA THR B 30 30.35 15.71 -26.97
C THR B 30 30.39 14.18 -27.10
N THR B 31 29.77 13.49 -26.14
CA THR B 31 29.69 12.03 -26.17
C THR B 31 28.23 11.57 -26.06
N ASN B 32 27.30 12.49 -26.26
CA ASN B 32 25.88 12.18 -26.17
C ASN B 32 25.08 12.84 -27.28
N GLY B 33 24.02 12.16 -27.72
CA GLY B 33 23.18 12.72 -28.75
C GLY B 33 21.90 13.23 -28.09
N VAL B 34 21.30 14.25 -28.68
CA VAL B 34 20.06 14.79 -28.11
C VAL B 34 18.99 14.84 -29.18
N SER B 35 17.77 14.50 -28.78
CA SER B 35 16.63 14.49 -29.70
C SER B 35 15.53 15.35 -29.12
N TRP B 36 14.63 15.78 -29.99
CA TRP B 36 13.52 16.60 -29.55
C TRP B 36 12.28 15.77 -29.87
N VAL B 37 11.35 15.69 -28.94
CA VAL B 37 10.15 14.94 -29.20
C VAL B 37 8.98 15.81 -28.78
N ARG B 38 7.95 15.87 -29.61
CA ARG B 38 6.82 16.70 -29.28
C ARG B 38 5.57 15.89 -29.15
N GLN B 39 4.64 16.39 -28.33
CA GLN B 39 3.40 15.67 -28.11
C GLN B 39 2.22 16.59 -28.01
N PRO B 40 1.37 16.62 -29.05
CA PRO B 40 0.21 17.53 -28.94
C PRO B 40 -0.60 17.17 -27.71
N PRO B 41 -1.58 18.01 -27.33
CA PRO B 41 -2.36 17.68 -26.14
C PRO B 41 -3.41 16.64 -26.44
N GLY B 42 -3.24 15.48 -25.80
CA GLY B 42 -4.17 14.38 -26.00
C GLY B 42 -3.70 13.43 -27.08
N LYS B 43 -2.69 13.85 -27.84
CA LYS B 43 -2.20 13.01 -28.90
C LYS B 43 -0.87 12.32 -28.57
N GLY B 44 -0.30 11.61 -29.54
CA GLY B 44 0.92 10.87 -29.26
C GLY B 44 2.24 11.55 -29.51
N LEU B 45 3.30 10.90 -29.03
CA LEU B 45 4.64 11.43 -29.16
C LEU B 45 5.08 11.36 -30.61
N GLU B 46 5.83 12.36 -31.03
CA GLU B 46 6.33 12.41 -32.39
C GLU B 46 7.76 12.90 -32.39
N TRP B 47 8.68 12.03 -32.75
CA TRP B 47 10.07 12.44 -32.84
C TRP B 47 10.29 13.38 -34.05
N ILE B 48 10.99 14.48 -33.84
CA ILE B 48 11.33 15.40 -34.92
C ILE B 48 12.76 15.78 -34.54
N ALA B 49 13.62 16.10 -35.49
CA ALA B 49 14.98 16.52 -35.14
C ALA B 49 15.78 15.72 -34.11
N ALA B 50 17.09 15.68 -34.33
CA ALA B 50 18.04 15.00 -33.45
C ALA B 50 19.44 15.41 -33.88
N ILE B 51 20.35 15.52 -32.91
CA ILE B 51 21.76 15.87 -33.17
C ILE B 51 22.63 14.82 -32.47
N SER B 52 23.57 14.27 -33.23
CA SER B 52 24.46 13.22 -32.72
C SER B 52 25.52 13.74 -31.76
N SER B 53 26.35 12.83 -31.27
CA SER B 53 27.44 13.18 -30.37
C SER B 53 28.50 13.94 -31.18
N GLY B 54 28.43 13.79 -32.49
CA GLY B 54 29.37 14.47 -33.37
C GLY B 54 28.76 15.80 -33.79
N GLY B 55 27.51 16.01 -33.39
CA GLY B 55 26.83 17.23 -33.73
C GLY B 55 26.25 17.18 -35.13
N SER B 56 25.84 16.00 -35.57
CA SER B 56 25.23 15.88 -36.89
C SER B 56 23.73 15.89 -36.69
N PRO B 57 22.99 16.62 -37.54
CA PRO B 57 21.51 16.72 -37.46
C PRO B 57 20.68 15.81 -38.37
N TYR B 58 19.55 15.35 -37.83
CA TYR B 58 18.59 14.50 -38.53
C TYR B 58 17.18 14.96 -38.11
N TYR B 59 16.27 15.10 -39.07
CA TYR B 59 14.89 15.56 -38.83
C TYR B 59 13.84 14.54 -39.26
N ASN B 60 12.62 14.66 -38.75
CA ASN B 60 11.54 13.78 -39.14
C ASN B 60 11.30 14.19 -40.60
N SER B 61 11.28 13.21 -41.51
CA SER B 61 11.09 13.44 -42.95
C SER B 61 9.91 14.31 -43.31
N ALA B 62 8.81 14.10 -42.59
CA ALA B 62 7.57 14.86 -42.78
C ALA B 62 7.78 16.33 -42.44
N LEU B 63 8.55 16.59 -41.39
CA LEU B 63 8.80 17.95 -40.93
C LEU B 63 10.17 18.55 -41.26
N LYS B 64 11.01 17.82 -41.99
CA LYS B 64 12.34 18.32 -42.34
C LYS B 64 12.36 19.77 -42.80
N SER B 65 11.56 20.07 -43.82
CA SER B 65 11.47 21.41 -44.40
C SER B 65 11.30 22.57 -43.42
N ARG B 66 10.63 22.32 -42.29
CA ARG B 66 10.39 23.38 -41.29
C ARG B 66 11.14 23.19 -39.97
N LEU B 67 12.28 22.50 -40.03
CA LEU B 67 13.07 22.22 -38.85
C LEU B 67 14.55 22.56 -38.99
N SER B 68 15.16 22.89 -37.86
CA SER B 68 16.59 23.18 -37.79
C SER B 68 17.04 22.99 -36.33
N ILE B 69 17.95 22.03 -36.11
CA ILE B 69 18.48 21.75 -34.78
C ILE B 69 19.98 21.98 -34.78
N ASN B 70 20.50 22.41 -33.63
CA ASN B 70 21.93 22.66 -33.48
C ASN B 70 22.23 22.71 -32.00
N ARG B 71 23.50 22.91 -31.64
CA ARG B 71 23.87 22.96 -30.23
C ARG B 71 25.09 23.82 -29.90
N ASP B 72 25.35 23.94 -28.61
CA ASP B 72 26.50 24.65 -28.09
C ASP B 72 27.01 23.59 -27.12
N THR B 73 27.88 22.74 -27.66
CA THR B 73 28.47 21.66 -26.91
C THR B 73 29.10 22.27 -25.68
N SER B 74 29.73 23.42 -25.91
CA SER B 74 30.39 24.19 -24.87
C SER B 74 29.42 24.44 -23.72
N LYS B 75 28.41 25.27 -23.98
CA LYS B 75 27.40 25.64 -22.99
C LYS B 75 26.50 24.47 -22.62
N SER B 76 26.68 23.35 -23.33
CA SER B 76 25.89 22.14 -23.10
C SER B 76 24.39 22.31 -23.35
N GLN B 77 24.05 22.90 -24.50
CA GLN B 77 22.64 23.10 -24.82
C GLN B 77 22.35 22.77 -26.26
N VAL B 78 21.12 22.34 -26.52
CA VAL B 78 20.68 21.99 -27.86
C VAL B 78 19.50 22.90 -28.22
N PHE B 79 19.59 23.60 -29.33
CA PHE B 79 18.54 24.53 -29.77
C PHE B 79 17.69 23.99 -30.92
N LEU B 80 16.44 24.40 -30.98
CA LEU B 80 15.59 23.95 -32.05
C LEU B 80 14.67 25.06 -32.49
N LYS B 81 14.51 25.21 -33.80
CA LYS B 81 13.64 26.22 -34.37
C LYS B 81 12.69 25.53 -35.36
N MET B 82 11.43 25.97 -35.37
CA MET B 82 10.41 25.43 -36.26
C MET B 82 9.69 26.54 -37.03
N ASN B 83 9.75 26.45 -38.36
CA ASN B 83 9.15 27.44 -39.24
C ASN B 83 7.64 27.44 -39.27
N SER B 84 7.08 28.61 -39.60
CA SER B 84 5.64 28.87 -39.70
C SER B 84 4.72 27.88 -39.02
N LEU B 85 4.59 28.02 -37.70
CA LEU B 85 3.75 27.15 -36.91
C LEU B 85 2.28 27.35 -37.21
N GLN B 86 1.49 26.32 -36.92
CA GLN B 86 0.06 26.36 -37.10
C GLN B 86 -0.49 25.68 -35.86
N THR B 87 -1.78 25.85 -35.60
CA THR B 87 -2.41 25.27 -34.43
C THR B 87 -1.91 23.87 -34.10
N GLU B 88 -2.06 22.94 -35.03
CA GLU B 88 -1.64 21.56 -34.83
C GLU B 88 -0.19 21.43 -34.33
N ASP B 89 0.48 22.55 -34.15
CA ASP B 89 1.84 22.51 -33.68
C ASP B 89 1.91 22.70 -32.21
N THR B 90 0.84 23.22 -31.61
CA THR B 90 0.90 23.40 -30.18
C THR B 90 1.06 22.00 -29.57
N ALA B 91 1.90 21.90 -28.54
CA ALA B 91 2.15 20.62 -27.89
C ALA B 91 3.29 20.82 -26.93
N ILE B 92 3.59 19.77 -26.17
CA ILE B 92 4.73 19.85 -25.26
C ILE B 92 5.90 19.31 -26.07
N TYR B 93 7.06 19.90 -25.85
CA TYR B 93 8.28 19.51 -26.52
C TYR B 93 9.24 18.96 -25.49
N PHE B 94 9.71 17.73 -25.73
CA PHE B 94 10.64 17.10 -24.82
C PHE B 94 11.96 17.04 -25.51
N CYS B 95 13.00 16.90 -24.72
CA CYS B 95 14.34 16.77 -25.25
C CYS B 95 14.82 15.57 -24.48
N THR B 96 15.43 14.63 -25.18
CA THR B 96 15.85 13.38 -24.57
C THR B 96 17.20 12.95 -25.15
N ARG B 97 17.96 12.12 -24.43
CA ARG B 97 19.27 11.74 -24.97
C ARG B 97 19.40 10.33 -25.54
N GLU B 98 20.43 10.13 -26.36
CA GLU B 98 20.70 8.85 -27.03
C GLU B 98 22.01 8.19 -26.57
N ASP B 99 23.14 8.86 -26.75
CA ASP B 99 24.45 8.30 -26.35
C ASP B 99 25.02 7.14 -27.18
N GLY B 100 24.16 6.32 -27.80
CA GLY B 100 24.67 5.21 -28.59
C GLY B 100 24.25 3.82 -28.11
N TRP B 101 24.15 3.64 -26.80
CA TRP B 101 23.74 2.36 -26.21
C TRP B 101 22.30 2.47 -25.67
N ASN B 102 22.11 3.32 -24.66
CA ASN B 102 20.77 3.53 -24.09
C ASN B 102 20.15 4.73 -24.80
N TYR B 103 19.12 4.50 -25.61
CA TYR B 103 18.45 5.57 -26.36
C TYR B 103 17.22 6.09 -25.66
N PHE B 104 17.10 7.41 -25.64
CA PHE B 104 15.97 8.11 -25.02
C PHE B 104 15.62 7.59 -23.63
N ASP B 105 16.64 7.38 -22.78
CA ASP B 105 16.37 6.90 -21.43
C ASP B 105 16.05 8.10 -20.52
N TYR B 106 16.79 9.21 -20.71
CA TYR B 106 16.59 10.42 -19.94
C TYR B 106 15.86 11.46 -20.78
N TRP B 107 14.79 12.02 -20.20
CA TRP B 107 13.97 13.05 -20.83
C TRP B 107 13.95 14.27 -19.92
N GLY B 108 13.40 15.37 -20.42
CA GLY B 108 13.28 16.58 -19.61
C GLY B 108 11.81 16.71 -19.20
N PRO B 109 11.43 17.76 -18.43
CA PRO B 109 10.03 17.91 -18.00
C PRO B 109 9.13 18.23 -19.19
N GLY B 110 9.74 18.84 -20.21
CA GLY B 110 9.05 19.21 -21.43
C GLY B 110 8.55 20.62 -21.30
N THR B 111 8.38 21.35 -22.39
CA THR B 111 7.83 22.70 -22.33
C THR B 111 6.66 22.84 -23.26
N MET B 112 5.58 23.39 -22.73
CA MET B 112 4.36 23.62 -23.49
C MET B 112 4.56 24.82 -24.42
N VAL B 113 4.24 24.65 -25.71
CA VAL B 113 4.30 25.78 -26.65
C VAL B 113 2.98 25.79 -27.40
N THR B 114 2.20 26.84 -27.14
CA THR B 114 0.88 26.99 -27.74
C THR B 114 0.87 27.96 -28.90
N VAL B 115 0.43 27.48 -30.05
CA VAL B 115 0.37 28.32 -31.24
C VAL B 115 -0.97 29.03 -31.33
N SER B 116 -1.02 30.25 -30.80
CA SER B 116 -2.24 31.03 -30.81
C SER B 116 -2.03 32.52 -31.13
N SER B 117 -3.13 33.26 -31.20
CA SER B 117 -3.02 34.68 -31.41
C SER B 117 -3.49 35.38 -30.13
N ALA B 118 -4.18 34.62 -29.29
CA ALA B 118 -4.64 35.14 -28.02
C ALA B 118 -3.43 35.72 -27.29
N GLN B 119 -3.70 36.52 -26.27
CA GLN B 119 -2.64 37.17 -25.50
C GLN B 119 -2.53 36.44 -24.19
N THR B 120 -1.36 36.52 -23.57
CA THR B 120 -1.11 35.86 -22.29
C THR B 120 -1.89 36.55 -21.18
N THR B 121 -2.79 35.78 -20.57
CA THR B 121 -3.71 36.21 -19.51
C THR B 121 -3.45 35.52 -18.19
N ALA B 122 -3.05 36.27 -17.17
CA ALA B 122 -2.81 35.68 -15.86
C ALA B 122 -4.16 35.13 -15.39
N PRO B 123 -4.16 34.10 -14.53
CA PRO B 123 -5.41 33.52 -14.03
C PRO B 123 -6.09 34.33 -12.94
N SER B 124 -7.00 33.68 -12.24
CA SER B 124 -7.73 34.30 -11.16
C SER B 124 -8.02 33.14 -10.27
N VAL B 125 -7.37 33.07 -9.13
CA VAL B 125 -7.62 31.97 -8.20
C VAL B 125 -8.71 32.34 -7.18
N TYR B 126 -9.78 31.54 -7.17
CA TYR B 126 -10.87 31.76 -6.24
C TYR B 126 -10.99 30.52 -5.36
N PRO B 127 -11.49 30.70 -4.13
CA PRO B 127 -11.63 29.57 -3.22
C PRO B 127 -12.82 28.69 -3.57
N LEU B 128 -12.75 27.44 -3.12
CA LEU B 128 -13.81 26.48 -3.35
C LEU B 128 -14.15 25.93 -1.94
N ALA B 129 -15.04 26.63 -1.23
CA ALA B 129 -15.47 26.23 0.11
C ALA B 129 -16.99 26.04 0.21
N PRO B 130 -17.43 25.10 1.04
CA PRO B 130 -18.87 24.85 1.20
C PRO B 130 -19.57 26.01 1.94
N GLY B 131 -20.91 25.98 2.00
CA GLY B 131 -21.59 27.05 2.73
C GLY B 131 -23.00 27.30 2.29
N CYS B 132 -23.55 28.46 2.67
CA CYS B 132 -24.91 28.84 2.32
C CYS B 132 -25.84 27.73 2.78
N GLY B 133 -25.79 27.44 4.09
CA GLY B 133 -26.58 26.37 4.65
C GLY B 133 -25.68 25.15 4.59
N ASP B 134 -25.97 24.23 3.66
CA ASP B 134 -25.18 23.01 3.46
C ASP B 134 -24.98 22.15 4.71
N THR B 135 -24.37 20.99 4.51
CA THR B 135 -24.11 20.06 5.59
C THR B 135 -22.67 20.18 6.09
N THR B 136 -22.12 19.05 6.55
CA THR B 136 -20.76 18.96 7.08
C THR B 136 -20.56 17.49 7.43
N SER B 137 -19.37 16.94 7.17
CA SER B 137 -19.11 15.54 7.48
C SER B 137 -17.76 15.33 8.13
N SER B 138 -17.19 16.41 8.65
CA SER B 138 -15.87 16.38 9.31
C SER B 138 -14.73 16.15 8.29
N THR B 139 -15.07 15.48 7.19
CA THR B 139 -14.13 15.22 6.10
C THR B 139 -14.76 16.05 4.98
N VAL B 140 -14.09 17.13 4.57
CA VAL B 140 -14.64 17.99 3.54
C VAL B 140 -13.79 18.12 2.28
N THR B 141 -14.49 18.40 1.18
CA THR B 141 -13.85 18.59 -0.10
C THR B 141 -13.69 20.08 -0.25
N LEU B 142 -12.48 20.48 -0.62
CA LEU B 142 -12.18 21.88 -0.80
C LEU B 142 -11.54 22.01 -2.16
N GLY B 143 -11.06 23.20 -2.48
CA GLY B 143 -10.42 23.38 -3.77
C GLY B 143 -10.26 24.83 -4.09
N CYS B 144 -9.65 25.11 -5.23
CA CYS B 144 -9.44 26.47 -5.69
C CYS B 144 -9.89 26.47 -7.14
N LEU B 145 -10.41 27.58 -7.63
CA LEU B 145 -10.85 27.63 -9.01
C LEU B 145 -9.89 28.58 -9.69
N VAL B 146 -8.97 28.00 -10.46
CA VAL B 146 -7.97 28.77 -11.19
C VAL B 146 -8.67 28.99 -12.50
N LYS B 147 -9.05 30.23 -12.79
CA LYS B 147 -9.81 30.44 -13.99
C LYS B 147 -9.41 31.59 -14.89
N GLY B 148 -9.77 31.47 -16.17
CA GLY B 148 -9.47 32.47 -17.18
C GLY B 148 -8.01 32.83 -17.43
N TYR B 149 -7.17 31.86 -17.73
CA TYR B 149 -5.76 32.17 -17.98
C TYR B 149 -5.31 31.71 -19.37
N PHE B 150 -4.12 32.15 -19.76
CA PHE B 150 -3.56 31.78 -21.07
C PHE B 150 -2.06 32.03 -21.17
N PRO B 151 -1.32 31.03 -21.66
CA PRO B 151 -1.87 29.74 -22.07
C PRO B 151 -1.61 28.75 -20.95
N GLU B 152 -1.27 27.52 -21.33
CA GLU B 152 -0.94 26.50 -20.34
C GLU B 152 0.58 26.64 -20.22
N PRO B 153 1.15 26.17 -19.11
CA PRO B 153 0.46 25.52 -18.00
C PRO B 153 0.36 26.41 -16.79
N VAL B 154 -0.24 25.82 -15.77
CA VAL B 154 -0.44 26.42 -14.48
C VAL B 154 -0.10 25.23 -13.59
N THR B 155 0.52 25.50 -12.46
CA THR B 155 0.88 24.44 -11.55
C THR B 155 0.21 24.74 -10.22
N VAL B 156 -0.53 23.78 -9.70
CA VAL B 156 -1.21 23.97 -8.43
C VAL B 156 -0.82 22.91 -7.40
N THR B 157 -0.34 23.38 -6.25
CA THR B 157 0.06 22.52 -5.17
C THR B 157 -0.82 22.91 -4.01
N TRP B 158 -0.78 22.14 -2.93
CA TRP B 158 -1.59 22.46 -1.78
C TRP B 158 -0.74 22.50 -0.54
N ASN B 159 -0.88 23.55 0.26
CA ASN B 159 -0.08 23.70 1.48
C ASN B 159 1.41 23.53 1.17
N SER B 160 1.80 23.90 -0.06
CA SER B 160 3.18 23.82 -0.54
C SER B 160 3.65 22.38 -0.60
N GLY B 161 2.82 21.46 -0.13
CA GLY B 161 3.19 20.06 -0.16
C GLY B 161 2.62 19.21 0.95
N ALA B 162 2.27 19.82 2.09
CA ALA B 162 1.72 19.09 3.24
C ALA B 162 0.69 18.05 2.80
N LEU B 163 0.93 16.81 3.22
CA LEU B 163 0.12 15.63 2.88
C LEU B 163 -0.90 15.85 1.75
N SER B 164 -0.36 16.18 0.58
CA SER B 164 -1.17 16.44 -0.59
C SER B 164 -1.75 15.14 -1.16
N SER B 165 -2.66 14.54 -0.41
CA SER B 165 -3.32 13.33 -0.87
C SER B 165 -4.79 13.67 -1.09
N ASP B 166 -5.41 12.99 -2.05
CA ASP B 166 -6.81 13.21 -2.40
C ASP B 166 -6.90 14.47 -3.23
N VAL B 167 -5.78 14.84 -3.83
CA VAL B 167 -5.73 16.04 -4.64
C VAL B 167 -6.13 15.79 -6.08
N HIS B 168 -7.34 16.19 -6.43
CA HIS B 168 -7.79 16.05 -7.80
C HIS B 168 -7.60 17.39 -8.49
N THR B 169 -6.57 17.48 -9.33
CA THR B 169 -6.35 18.70 -10.07
C THR B 169 -6.81 18.33 -11.49
N PHE B 170 -7.94 18.88 -11.93
CA PHE B 170 -8.56 18.60 -13.23
C PHE B 170 -7.94 19.25 -14.46
N PRO B 171 -7.70 18.45 -15.52
CA PRO B 171 -7.11 18.96 -16.76
C PRO B 171 -7.83 20.23 -17.25
N ALA B 172 -7.05 21.29 -17.51
CA ALA B 172 -7.60 22.57 -17.96
C ALA B 172 -8.43 22.44 -19.19
N VAL B 173 -9.51 23.22 -19.27
CA VAL B 173 -10.34 23.18 -20.47
C VAL B 173 -10.55 24.60 -20.97
N LEU B 174 -10.63 24.73 -22.28
CA LEU B 174 -10.83 26.00 -22.93
C LEU B 174 -12.31 26.32 -23.01
N GLN B 175 -12.66 27.53 -22.54
CA GLN B 175 -14.04 27.99 -22.60
C GLN B 175 -13.93 29.47 -22.86
N SER B 176 -14.46 29.88 -24.01
CA SER B 176 -14.44 31.28 -24.38
C SER B 176 -13.01 31.80 -24.44
N GLY B 177 -12.18 31.10 -25.22
CA GLY B 177 -10.82 31.51 -25.42
C GLY B 177 -9.89 31.58 -24.23
N LEU B 178 -10.27 31.01 -23.10
CA LEU B 178 -9.42 31.03 -21.90
C LEU B 178 -9.49 29.72 -21.13
N TYR B 179 -8.41 29.39 -20.43
CA TYR B 179 -8.33 28.15 -19.64
C TYR B 179 -8.87 28.27 -18.23
N THR B 180 -9.55 27.21 -17.80
CA THR B 180 -10.08 27.16 -16.46
C THR B 180 -9.76 25.79 -15.91
N LEU B 181 -9.20 25.77 -14.72
CA LEU B 181 -8.86 24.52 -14.10
C LEU B 181 -9.32 24.57 -12.64
N THR B 182 -9.64 23.41 -12.06
CA THR B 182 -10.07 23.31 -10.67
C THR B 182 -9.25 22.26 -9.90
N SER B 183 -8.74 22.62 -8.73
CA SER B 183 -8.00 21.66 -7.94
C SER B 183 -8.82 21.34 -6.69
N SER B 184 -8.93 20.06 -6.36
CA SER B 184 -9.67 19.62 -5.21
C SER B 184 -8.71 18.99 -4.23
N VAL B 185 -9.21 18.76 -3.02
CA VAL B 185 -8.42 18.18 -1.94
C VAL B 185 -9.42 17.97 -0.81
N THR B 186 -9.21 16.95 0.00
CA THR B 186 -10.14 16.69 1.10
C THR B 186 -9.42 16.88 2.40
N SER B 187 -10.12 17.48 3.36
CA SER B 187 -9.56 17.72 4.68
C SER B 187 -10.44 17.12 5.75
N SER B 188 -9.91 17.04 6.95
CA SER B 188 -10.65 16.54 8.10
C SER B 188 -10.20 17.45 9.25
N THR B 189 -9.16 18.24 8.97
CA THR B 189 -8.59 19.18 9.94
C THR B 189 -8.99 20.62 9.64
N TRP B 190 -9.68 20.82 8.53
CA TRP B 190 -10.13 22.14 8.16
C TRP B 190 -11.44 22.28 8.94
N PRO B 191 -11.80 23.52 9.35
CA PRO B 191 -11.10 24.78 9.14
C PRO B 191 -10.01 25.07 10.17
N SER B 192 -10.08 24.39 11.30
CA SER B 192 -9.10 24.56 12.38
C SER B 192 -7.69 24.69 11.78
N GLN B 193 -7.25 23.69 11.00
CA GLN B 193 -5.94 23.78 10.37
C GLN B 193 -6.11 24.21 8.92
N THR B 194 -5.29 25.19 8.54
CA THR B 194 -5.36 25.76 7.20
C THR B 194 -4.95 24.91 6.02
N VAL B 195 -5.69 25.12 4.94
CA VAL B 195 -5.47 24.47 3.68
C VAL B 195 -5.52 25.62 2.69
N THR B 196 -4.43 25.85 1.98
CA THR B 196 -4.40 26.93 1.00
C THR B 196 -3.68 26.40 -0.25
N CYS B 197 -4.16 26.80 -1.42
CA CYS B 197 -3.55 26.33 -2.66
C CYS B 197 -2.47 27.26 -3.14
N ASN B 198 -1.45 26.65 -3.71
CA ASN B 198 -0.31 27.37 -4.24
C ASN B 198 -0.35 27.24 -5.77
N VAL B 199 -0.96 28.25 -6.39
CA VAL B 199 -1.12 28.30 -7.85
C VAL B 199 -0.07 29.13 -8.56
N ALA B 200 0.52 28.55 -9.60
CA ALA B 200 1.55 29.23 -10.34
C ALA B 200 1.34 29.19 -11.83
N HIS B 201 1.32 30.36 -12.43
CA HIS B 201 1.16 30.49 -13.87
C HIS B 201 2.34 31.33 -14.36
N PRO B 202 3.43 30.66 -14.77
CA PRO B 202 4.69 31.25 -15.26
C PRO B 202 4.49 32.21 -16.42
N ALA B 203 3.71 31.77 -17.40
CA ALA B 203 3.41 32.54 -18.59
C ALA B 203 3.01 34.00 -18.30
N SER B 204 2.89 34.36 -17.03
CA SER B 204 2.53 35.72 -16.64
C SER B 204 3.16 36.06 -15.28
N SER B 205 4.10 35.22 -14.86
CA SER B 205 4.79 35.43 -13.60
C SER B 205 3.84 35.46 -12.42
N THR B 206 2.72 34.76 -12.54
CA THR B 206 1.74 34.72 -11.47
C THR B 206 2.12 33.61 -10.48
N LYS B 207 2.34 33.99 -9.23
CA LYS B 207 2.68 33.04 -8.18
C LYS B 207 1.89 33.47 -6.94
N VAL B 208 0.62 33.10 -6.89
CA VAL B 208 -0.26 33.47 -5.79
C VAL B 208 -0.68 32.33 -4.89
N ASP B 209 -0.95 32.69 -3.65
CA ASP B 209 -1.38 31.75 -2.59
C ASP B 209 -2.79 32.13 -2.18
N LYS B 210 -3.76 31.24 -2.36
CA LYS B 210 -5.10 31.56 -1.90
C LYS B 210 -5.53 30.61 -0.79
N LYS B 211 -5.77 31.17 0.38
CA LYS B 211 -6.21 30.37 1.51
C LYS B 211 -7.66 29.94 1.28
N LEU B 212 -8.01 28.78 1.82
CA LEU B 212 -9.36 28.25 1.69
C LEU B 212 -10.13 28.60 2.96
N GLU B 213 -10.64 29.83 3.01
CA GLU B 213 -11.38 30.32 4.16
C GLU B 213 -12.73 29.66 4.42
N ARG B 214 -13.45 30.17 5.42
CA ARG B 214 -14.79 29.71 5.85
C ARG B 214 -14.73 28.91 7.16
N ASP C 1 -25.20 -17.59 5.19
CA ASP C 1 -23.95 -17.99 5.90
C ASP C 1 -23.22 -19.11 5.16
N ILE C 2 -22.42 -18.74 4.18
CA ILE C 2 -21.67 -19.70 3.38
C ILE C 2 -20.50 -20.29 4.17
N GLN C 3 -20.39 -21.61 4.21
CA GLN C 3 -19.28 -22.24 4.92
C GLN C 3 -18.09 -22.60 4.01
N MET C 4 -16.90 -22.19 4.44
CA MET C 4 -15.68 -22.45 3.70
C MET C 4 -15.00 -23.63 4.34
N THR C 5 -14.57 -24.56 3.50
CA THR C 5 -13.90 -25.74 4.00
C THR C 5 -12.50 -25.83 3.32
N GLN C 6 -11.48 -25.48 4.09
CA GLN C 6 -10.07 -25.49 3.65
C GLN C 6 -9.49 -26.89 3.80
N SER C 7 -8.85 -27.37 2.76
CA SER C 7 -8.40 -28.74 2.86
C SER C 7 -7.16 -29.20 3.54
N PRO C 8 -5.99 -29.01 2.95
CA PRO C 8 -4.96 -29.58 3.82
C PRO C 8 -4.73 -28.72 5.07
N PRO C 9 -5.04 -29.24 6.27
CA PRO C 9 -4.85 -28.50 7.53
C PRO C 9 -3.37 -28.29 7.79
N SER C 10 -2.56 -29.22 7.32
CA SER C 10 -1.14 -29.15 7.50
C SER C 10 -0.44 -29.65 6.23
N LEU C 11 0.54 -28.88 5.76
CA LEU C 11 1.31 -29.22 4.57
C LEU C 11 2.80 -29.36 4.92
N SER C 12 3.41 -30.52 4.65
CA SER C 12 4.84 -30.68 4.92
C SER C 12 5.49 -30.91 3.57
N ALA C 13 6.40 -30.03 3.17
CA ALA C 13 7.04 -30.18 1.87
C ALA C 13 8.55 -29.93 1.89
N SER C 14 9.17 -29.89 0.71
CA SER C 14 10.61 -29.66 0.61
C SER C 14 10.89 -28.36 -0.12
N LEU C 15 11.97 -27.68 0.26
CA LEU C 15 12.33 -26.43 -0.39
C LEU C 15 12.19 -26.65 -1.89
N GLY C 16 11.58 -25.71 -2.61
CA GLY C 16 11.42 -25.89 -4.05
C GLY C 16 10.20 -26.64 -4.56
N ASP C 17 9.50 -27.37 -3.71
CA ASP C 17 8.31 -28.08 -4.15
C ASP C 17 7.26 -27.05 -4.52
N LYS C 18 6.12 -27.51 -5.02
CA LYS C 18 5.00 -26.61 -5.36
C LYS C 18 3.83 -27.13 -4.52
N VAL C 19 3.36 -26.34 -3.55
CA VAL C 19 2.24 -26.80 -2.71
C VAL C 19 0.91 -26.23 -3.19
N THR C 20 -0.17 -26.91 -2.85
CA THR C 20 -1.47 -26.44 -3.26
C THR C 20 -2.54 -26.69 -2.20
N ILE C 21 -3.23 -25.62 -1.81
CA ILE C 21 -4.31 -25.74 -0.83
C ILE C 21 -5.57 -25.40 -1.60
N THR C 22 -6.68 -26.02 -1.21
CA THR C 22 -7.96 -25.77 -1.85
C THR C 22 -8.97 -25.37 -0.80
N CYS C 23 -10.06 -24.78 -1.26
CA CYS C 23 -11.14 -24.39 -0.36
C CYS C 23 -12.43 -24.61 -1.09
N GLN C 24 -13.41 -25.15 -0.38
CA GLN C 24 -14.72 -25.35 -0.99
C GLN C 24 -15.77 -24.49 -0.29
N ALA C 25 -16.68 -23.93 -1.07
CA ALA C 25 -17.75 -23.10 -0.57
C ALA C 25 -18.99 -23.96 -0.46
N SER C 26 -19.81 -23.71 0.54
CA SER C 26 -21.07 -24.46 0.71
C SER C 26 -22.04 -23.94 -0.33
N GLN C 27 -21.72 -22.77 -0.90
CA GLN C 27 -22.55 -22.13 -1.91
C GLN C 27 -21.70 -21.39 -2.93
N ASP C 28 -22.26 -21.18 -4.11
CA ASP C 28 -21.56 -20.52 -5.22
C ASP C 28 -21.11 -19.12 -4.85
N ILE C 29 -19.86 -18.96 -4.47
CA ILE C 29 -19.42 -17.62 -4.13
C ILE C 29 -18.85 -16.94 -5.37
N ASN C 30 -19.05 -17.55 -6.54
CA ASN C 30 -18.53 -16.94 -7.76
C ASN C 30 -17.01 -16.94 -7.76
N LYS C 31 -16.42 -15.74 -7.78
CA LYS C 31 -14.97 -15.57 -7.79
C LYS C 31 -14.47 -14.69 -6.64
N TYR C 32 -15.33 -14.52 -5.63
CA TYR C 32 -15.00 -13.71 -4.47
C TYR C 32 -14.35 -14.51 -3.37
N ILE C 33 -13.08 -14.81 -3.59
CA ILE C 33 -12.25 -15.55 -2.66
C ILE C 33 -10.88 -14.86 -2.58
N ALA C 34 -10.31 -14.84 -1.39
CA ALA C 34 -9.00 -14.25 -1.16
C ALA C 34 -8.13 -15.22 -0.40
N TRP C 35 -6.82 -15.01 -0.44
CA TRP C 35 -5.86 -15.87 0.25
C TRP C 35 -4.94 -15.02 1.12
N TYR C 36 -4.74 -15.47 2.36
CA TYR C 36 -3.90 -14.70 3.28
C TYR C 36 -2.80 -15.57 3.83
N GLN C 37 -1.71 -14.93 4.18
CA GLN C 37 -0.61 -15.66 4.77
C GLN C 37 -0.52 -15.06 6.14
N GLN C 38 -0.15 -15.86 7.13
CA GLN C 38 -0.06 -15.32 8.47
C GLN C 38 1.07 -15.88 9.30
N LYS C 39 1.96 -14.99 9.69
CA LYS C 39 3.09 -15.34 10.53
C LYS C 39 2.55 -15.23 11.95
N PRO C 40 3.29 -15.72 12.94
CA PRO C 40 2.74 -15.63 14.29
C PRO C 40 2.81 -14.22 14.90
N GLY C 41 1.84 -13.92 15.75
CA GLY C 41 1.81 -12.62 16.38
C GLY C 41 1.66 -11.47 15.40
N LYS C 42 1.15 -11.76 14.20
CA LYS C 42 0.98 -10.72 13.19
C LYS C 42 -0.39 -10.81 12.57
N ALA C 43 -0.84 -9.71 12.00
CA ALA C 43 -2.14 -9.65 11.36
C ALA C 43 -2.13 -10.34 9.98
N PRO C 44 -3.22 -11.02 9.60
CA PRO C 44 -3.29 -11.68 8.30
C PRO C 44 -2.83 -10.81 7.14
N ARG C 45 -2.08 -11.39 6.21
CA ARG C 45 -1.59 -10.66 5.05
C ARG C 45 -2.21 -11.25 3.79
N GLN C 46 -3.02 -10.43 3.12
CA GLN C 46 -3.67 -10.84 1.90
C GLN C 46 -2.67 -11.02 0.77
N LEU C 47 -2.73 -12.16 0.09
CA LEU C 47 -1.78 -12.40 -0.98
C LEU C 47 -2.53 -12.41 -2.27
N ILE C 48 -3.77 -12.88 -2.18
CA ILE C 48 -4.60 -13.00 -3.35
C ILE C 48 -6.02 -12.48 -3.14
N ARG C 49 -6.59 -11.95 -4.21
CA ARG C 49 -7.94 -11.45 -4.19
C ARG C 49 -8.63 -11.94 -5.46
N TYR C 50 -9.94 -12.06 -5.41
CA TYR C 50 -10.67 -12.48 -6.58
C TYR C 50 -10.14 -13.77 -7.19
N THR C 51 -9.85 -14.75 -6.35
CA THR C 51 -9.38 -16.06 -6.80
C THR C 51 -7.97 -16.07 -7.33
N SER C 52 -7.70 -15.19 -8.28
CA SER C 52 -6.40 -15.17 -8.90
C SER C 52 -5.70 -13.85 -9.10
N ILE C 53 -6.25 -12.73 -8.65
CA ILE C 53 -5.46 -11.54 -8.88
C ILE C 53 -4.51 -11.38 -7.68
N LEU C 54 -3.22 -11.28 -8.00
CA LEU C 54 -2.17 -11.15 -7.01
C LEU C 54 -2.08 -9.76 -6.44
N VAL C 55 -2.05 -9.68 -5.11
CA VAL C 55 -1.95 -8.40 -4.45
C VAL C 55 -0.54 -7.92 -4.75
N LEU C 56 -0.44 -6.72 -5.31
CA LEU C 56 0.84 -6.13 -5.69
C LEU C 56 1.95 -6.34 -4.67
N GLY C 57 3.09 -6.81 -5.15
CA GLY C 57 4.20 -7.06 -4.26
C GLY C 57 4.18 -8.51 -3.81
N THR C 58 3.19 -9.27 -4.25
CA THR C 58 3.15 -10.68 -3.84
C THR C 58 3.98 -11.47 -4.85
N PRO C 59 4.99 -12.21 -4.35
CA PRO C 59 5.85 -13.00 -5.23
C PRO C 59 5.01 -13.72 -6.26
N SER C 60 5.47 -13.74 -7.51
CA SER C 60 4.72 -14.41 -8.57
C SER C 60 4.69 -15.94 -8.43
N ARG C 61 5.40 -16.43 -7.42
CA ARG C 61 5.47 -17.86 -7.13
C ARG C 61 4.13 -18.37 -6.52
N PHE C 62 3.31 -17.41 -6.06
CA PHE C 62 2.00 -17.68 -5.46
C PHE C 62 0.93 -17.46 -6.51
N SER C 63 -0.11 -18.28 -6.49
CA SER C 63 -1.21 -18.10 -7.42
C SER C 63 -2.48 -18.79 -6.96
N GLY C 64 -3.59 -18.44 -7.62
CA GLY C 64 -4.87 -19.03 -7.29
C GLY C 64 -5.70 -19.34 -8.51
N SER C 65 -6.61 -20.28 -8.36
CA SER C 65 -7.50 -20.73 -9.42
C SER C 65 -8.84 -21.16 -8.83
N GLY C 66 -9.89 -21.09 -9.63
CA GLY C 66 -11.20 -21.50 -9.14
C GLY C 66 -12.41 -20.76 -9.68
N SER C 67 -13.56 -21.22 -9.24
CA SER C 67 -14.84 -20.66 -9.63
C SER C 67 -15.97 -21.38 -8.90
N GLY C 68 -17.08 -20.70 -8.69
CA GLY C 68 -18.22 -21.32 -8.05
C GLY C 68 -18.01 -21.75 -6.63
N ARG C 69 -17.77 -23.04 -6.42
CA ARG C 69 -17.57 -23.55 -5.06
C ARG C 69 -16.19 -24.13 -4.84
N ASP C 70 -15.42 -24.23 -5.92
CA ASP C 70 -14.07 -24.81 -5.88
C ASP C 70 -12.92 -23.88 -6.26
N PHE C 71 -11.94 -23.80 -5.36
CA PHE C 71 -10.79 -22.95 -5.56
C PHE C 71 -9.54 -23.58 -4.93
N SER C 72 -8.37 -23.22 -5.48
CA SER C 72 -7.07 -23.71 -5.00
C SER C 72 -6.07 -22.57 -4.98
N PHE C 73 -5.03 -22.75 -4.19
CA PHE C 73 -3.99 -21.76 -4.02
C PHE C 73 -2.70 -22.56 -4.04
N SER C 74 -1.71 -22.10 -4.83
CA SER C 74 -0.44 -22.80 -4.95
C SER C 74 0.79 -21.91 -4.83
N ILE C 75 1.85 -22.54 -4.35
CA ILE C 75 3.15 -21.91 -4.17
C ILE C 75 4.14 -22.80 -4.90
N SER C 76 4.55 -22.41 -6.10
CA SER C 76 5.50 -23.20 -6.85
C SER C 76 6.89 -22.76 -6.40
N ASN C 77 7.74 -23.71 -6.04
CA ASN C 77 9.10 -23.43 -5.57
C ASN C 77 9.10 -22.77 -4.20
N VAL C 78 8.46 -23.41 -3.22
CA VAL C 78 8.37 -22.86 -1.88
C VAL C 78 9.72 -22.52 -1.29
N ALA C 79 9.76 -21.42 -0.53
CA ALA C 79 10.97 -20.96 0.12
C ALA C 79 10.78 -21.10 1.62
N SER C 80 11.86 -20.92 2.38
CA SER C 80 11.78 -21.05 3.83
C SER C 80 10.78 -20.09 4.49
N GLU C 81 10.71 -18.86 3.98
CA GLU C 81 9.85 -17.82 4.53
C GLU C 81 8.38 -17.88 4.11
N ASP C 82 7.96 -19.02 3.57
CA ASP C 82 6.60 -19.20 3.16
C ASP C 82 5.99 -20.00 4.28
N ILE C 83 6.86 -20.44 5.18
CA ILE C 83 6.48 -21.21 6.35
C ILE C 83 5.57 -20.30 7.14
N ALA C 84 4.26 -20.46 6.93
CA ALA C 84 3.25 -19.67 7.64
C ALA C 84 1.88 -20.34 7.48
N SER C 85 0.93 -20.01 8.35
CA SER C 85 -0.40 -20.59 8.21
C SER C 85 -1.05 -19.79 7.11
N TYR C 86 -1.93 -20.43 6.34
CA TYR C 86 -2.62 -19.76 5.25
C TYR C 86 -4.13 -19.97 5.39
N TYR C 87 -4.90 -18.96 4.96
CA TYR C 87 -6.38 -19.04 4.99
C TYR C 87 -7.02 -18.48 3.74
N CYS C 88 -8.16 -19.05 3.38
CA CYS C 88 -8.93 -18.56 2.24
C CYS C 88 -10.10 -17.78 2.85
N LEU C 89 -10.66 -16.85 2.09
CA LEU C 89 -11.78 -16.07 2.58
C LEU C 89 -12.79 -15.80 1.48
N GLN C 90 -14.04 -16.18 1.69
CA GLN C 90 -15.05 -15.86 0.68
C GLN C 90 -15.73 -14.51 1.01
N TYR C 91 -15.78 -13.59 0.06
CA TYR C 91 -16.46 -12.34 0.32
C TYR C 91 -17.49 -12.12 -0.77
N GLY C 92 -18.17 -13.21 -1.14
CA GLY C 92 -19.22 -13.18 -2.16
C GLY C 92 -20.57 -12.96 -1.52
N ASN C 93 -20.74 -13.47 -0.30
CA ASN C 93 -21.97 -13.26 0.45
C ASN C 93 -21.58 -13.19 1.91
N LEU C 94 -21.28 -11.96 2.33
CA LEU C 94 -20.82 -11.70 3.69
C LEU C 94 -19.36 -12.15 3.69
N TYR C 95 -18.88 -12.70 4.81
CA TYR C 95 -17.48 -13.14 4.90
C TYR C 95 -17.34 -14.42 5.69
N THR C 96 -16.50 -15.32 5.16
CA THR C 96 -16.20 -16.62 5.77
C THR C 96 -14.79 -17.10 5.42
N PHE C 97 -14.00 -17.38 6.46
CA PHE C 97 -12.62 -17.86 6.42
C PHE C 97 -12.56 -19.40 6.47
N GLY C 98 -11.58 -19.98 5.78
CA GLY C 98 -11.39 -21.43 5.82
C GLY C 98 -10.67 -21.65 7.13
N ALA C 99 -10.61 -22.89 7.63
CA ALA C 99 -9.94 -23.16 8.91
C ALA C 99 -8.44 -22.96 8.90
N GLY C 100 -7.89 -22.70 7.71
CA GLY C 100 -6.47 -22.47 7.58
C GLY C 100 -5.69 -23.72 7.29
N THR C 101 -4.41 -23.55 6.99
CA THR C 101 -3.50 -24.65 6.65
C THR C 101 -2.10 -24.29 7.12
N LYS C 102 -1.49 -25.07 8.00
CA LYS C 102 -0.11 -24.73 8.39
C LYS C 102 0.89 -25.39 7.43
N LEU C 103 1.69 -24.56 6.77
CA LEU C 103 2.68 -25.07 5.83
C LEU C 103 4.01 -25.24 6.55
N GLU C 104 4.51 -26.47 6.52
CA GLU C 104 5.79 -26.81 7.16
C GLU C 104 6.75 -27.28 6.08
N ILE C 105 7.99 -26.82 6.19
CA ILE C 105 9.00 -27.18 5.24
C ILE C 105 9.92 -28.26 5.82
N LYS C 106 10.26 -29.25 5.01
CA LYS C 106 11.14 -30.34 5.42
C LYS C 106 12.52 -29.85 5.05
N ARG C 107 13.42 -29.89 6.01
CA ARG C 107 14.78 -29.44 5.78
C ARG C 107 15.78 -30.51 6.17
N ALA C 108 17.05 -30.12 6.10
CA ALA C 108 18.15 -30.98 6.47
C ALA C 108 17.97 -31.39 7.93
N ASP C 109 18.95 -32.09 8.48
CA ASP C 109 18.84 -32.48 9.87
C ASP C 109 19.90 -31.76 10.70
N ALA C 110 19.45 -31.06 11.74
CA ALA C 110 20.35 -30.32 12.63
C ALA C 110 20.13 -30.77 14.07
N ALA C 111 21.19 -30.69 14.87
CA ALA C 111 21.14 -31.08 16.27
C ALA C 111 20.92 -29.84 17.16
N PRO C 112 20.15 -29.99 18.25
CA PRO C 112 19.83 -28.93 19.20
C PRO C 112 21.01 -28.38 19.96
N THR C 113 21.22 -27.08 19.87
CA THR C 113 22.31 -26.45 20.60
C THR C 113 21.76 -26.10 22.00
N VAL C 114 21.78 -27.12 22.86
CA VAL C 114 21.29 -27.04 24.22
C VAL C 114 22.04 -26.06 25.12
N SER C 115 21.27 -25.30 25.91
CA SER C 115 21.79 -24.31 26.83
C SER C 115 21.21 -24.54 28.23
N ILE C 116 21.88 -24.00 29.25
CA ILE C 116 21.46 -24.13 30.64
C ILE C 116 21.56 -22.82 31.44
N PHE C 117 20.54 -22.54 32.24
CA PHE C 117 20.50 -21.34 33.07
C PHE C 117 20.01 -21.62 34.49
N PRO C 118 20.83 -21.29 35.50
CA PRO C 118 20.44 -21.50 36.89
C PRO C 118 19.56 -20.31 37.32
N PRO C 119 18.72 -20.45 38.37
CA PRO C 119 17.89 -19.30 38.76
C PRO C 119 18.72 -18.01 38.84
N SER C 120 18.12 -16.88 38.44
CA SER C 120 18.80 -15.61 38.46
C SER C 120 19.00 -15.17 39.90
N THR C 121 20.03 -14.38 40.14
CA THR C 121 20.30 -13.90 41.49
C THR C 121 18.99 -13.26 41.96
N GLU C 122 18.55 -12.27 41.19
CA GLU C 122 17.33 -11.51 41.42
C GLU C 122 16.14 -12.35 41.91
N GLN C 123 15.83 -13.43 41.20
CA GLN C 123 14.70 -14.28 41.56
C GLN C 123 14.90 -15.09 42.84
N LEU C 124 16.16 -15.40 43.16
CA LEU C 124 16.46 -16.16 44.37
C LEU C 124 16.26 -15.21 45.54
N ALA C 125 16.50 -13.93 45.28
CA ALA C 125 16.34 -12.89 46.28
C ALA C 125 14.98 -13.00 46.98
N THR C 126 13.92 -13.10 46.18
CA THR C 126 12.55 -13.21 46.69
C THR C 126 12.15 -14.64 47.09
N GLY C 127 13.12 -15.56 47.09
CA GLY C 127 12.88 -16.92 47.50
C GLY C 127 12.43 -17.95 46.49
N GLY C 128 12.49 -17.60 45.21
CA GLY C 128 12.06 -18.53 44.18
C GLY C 128 13.22 -18.99 43.33
N ALA C 129 13.14 -20.22 42.84
CA ALA C 129 14.19 -20.78 41.99
C ALA C 129 13.61 -21.30 40.68
N SER C 130 14.14 -20.85 39.55
CA SER C 130 13.65 -21.27 38.25
C SER C 130 14.78 -21.64 37.28
N VAL C 131 14.96 -22.95 37.07
CA VAL C 131 15.99 -23.46 36.19
C VAL C 131 15.44 -23.63 34.79
N VAL C 132 16.14 -23.06 33.82
CA VAL C 132 15.70 -23.12 32.43
C VAL C 132 16.74 -23.75 31.50
N CYS C 133 16.26 -24.65 30.64
CA CYS C 133 17.13 -25.28 29.66
C CYS C 133 16.57 -24.99 28.27
N LEU C 134 17.43 -24.47 27.41
CA LEU C 134 17.01 -24.11 26.07
C LEU C 134 17.73 -24.92 24.99
N MET C 135 16.96 -25.63 24.16
CA MET C 135 17.53 -26.42 23.06
C MET C 135 17.09 -25.72 21.77
N ASN C 136 17.91 -24.79 21.31
CA ASN C 136 17.55 -24.03 20.13
C ASN C 136 17.94 -24.64 18.79
N ASN C 137 17.23 -24.18 17.76
CA ASN C 137 17.39 -24.61 16.36
C ASN C 137 17.75 -26.05 16.10
N PHE C 138 16.74 -26.88 15.87
CA PHE C 138 16.97 -28.28 15.57
C PHE C 138 15.88 -28.81 14.62
N TYR C 139 16.15 -29.95 14.01
CA TYR C 139 15.21 -30.59 13.09
C TYR C 139 15.50 -32.09 13.04
N PRO C 140 14.46 -32.94 13.10
CA PRO C 140 13.04 -32.59 13.17
C PRO C 140 12.59 -32.14 14.56
N ARG C 141 11.30 -31.84 14.67
CA ARG C 141 10.71 -31.35 15.91
C ARG C 141 10.51 -32.38 17.02
N ASP C 142 10.97 -33.61 16.82
CA ASP C 142 10.80 -34.62 17.85
C ASP C 142 12.00 -34.65 18.82
N ILE C 143 11.82 -34.06 20.00
CA ILE C 143 12.87 -34.01 21.00
C ILE C 143 12.37 -34.49 22.37
N SER C 144 13.32 -34.84 23.24
CA SER C 144 13.03 -35.34 24.59
C SER C 144 13.43 -34.38 25.71
N VAL C 145 12.76 -34.52 26.86
CA VAL C 145 12.99 -33.65 28.03
C VAL C 145 14.09 -34.11 29.02
N LYS C 146 13.68 -34.76 30.12
CA LYS C 146 14.55 -35.30 31.18
C LYS C 146 15.40 -34.35 32.03
N TRP C 147 14.94 -34.12 33.26
CA TRP C 147 15.65 -33.26 34.22
C TRP C 147 16.22 -34.14 35.34
N LYS C 148 17.53 -34.10 35.54
CA LYS C 148 18.15 -34.91 36.58
C LYS C 148 18.92 -34.13 37.64
N ILE C 149 18.37 -34.03 38.84
CA ILE C 149 19.06 -33.31 39.92
C ILE C 149 19.73 -34.32 40.83
N ASP C 150 21.06 -34.28 40.91
CA ASP C 150 21.80 -35.21 41.74
C ASP C 150 21.40 -36.65 41.41
N GLY C 151 21.29 -36.94 40.11
CA GLY C 151 20.93 -38.28 39.68
C GLY C 151 19.44 -38.53 39.55
N THR C 152 18.67 -38.03 40.51
CA THR C 152 17.22 -38.23 40.47
C THR C 152 16.53 -37.42 39.39
N GLU C 153 15.64 -38.09 38.67
CA GLU C 153 14.87 -37.46 37.59
C GLU C 153 13.60 -36.88 38.21
N ARG C 154 13.56 -35.56 38.31
CA ARG C 154 12.41 -34.85 38.84
C ARG C 154 11.51 -34.47 37.67
N ARG C 155 10.20 -34.54 37.87
CA ARG C 155 9.25 -34.20 36.80
C ARG C 155 8.05 -33.42 37.32
N ASP C 156 7.86 -33.41 38.64
CA ASP C 156 6.73 -32.71 39.23
C ASP C 156 6.95 -31.20 39.21
N GLY C 157 7.72 -30.69 38.26
CA GLY C 157 7.94 -29.26 38.19
C GLY C 157 8.61 -28.76 36.92
N VAL C 158 8.15 -29.26 35.77
CA VAL C 158 8.72 -28.86 34.47
C VAL C 158 7.69 -28.57 33.38
N LEU C 159 7.93 -27.49 32.64
CA LEU C 159 7.07 -27.06 31.54
C LEU C 159 7.93 -27.00 30.29
N ASP C 160 7.45 -27.64 29.23
CA ASP C 160 8.18 -27.63 27.99
C ASP C 160 7.41 -26.81 26.98
N SER C 161 8.16 -26.10 26.14
CA SER C 161 7.57 -25.27 25.11
C SER C 161 8.37 -25.37 23.83
N VAL C 162 7.66 -25.77 22.76
CA VAL C 162 8.26 -25.91 21.44
C VAL C 162 7.77 -24.72 20.68
N THR C 163 8.67 -24.05 19.96
CA THR C 163 8.28 -22.90 19.16
C THR C 163 7.69 -23.34 17.83
N ASP C 164 7.44 -22.35 16.99
CA ASP C 164 6.90 -22.61 15.69
C ASP C 164 8.12 -22.69 14.79
N GLN C 165 7.97 -23.34 13.65
CA GLN C 165 9.07 -23.48 12.70
C GLN C 165 9.65 -22.18 12.16
N ASP C 166 10.91 -21.93 12.51
CA ASP C 166 11.64 -20.76 12.07
C ASP C 166 11.55 -20.52 10.54
N SER C 167 10.85 -19.47 10.14
CA SER C 167 10.69 -19.10 8.74
C SER C 167 12.02 -18.53 8.22
N LYS C 168 13.10 -19.01 8.81
CA LYS C 168 14.44 -18.56 8.42
C LYS C 168 15.40 -19.71 8.20
N ASP C 169 15.37 -20.70 9.09
CA ASP C 169 16.24 -21.86 8.95
C ASP C 169 15.45 -23.15 9.01
N SER C 170 14.13 -23.03 8.91
CA SER C 170 13.25 -24.19 8.92
C SER C 170 13.48 -25.14 10.09
N THR C 171 13.87 -24.60 11.25
CA THR C 171 14.11 -25.43 12.44
C THR C 171 13.09 -25.21 13.54
N TYR C 172 13.33 -25.89 14.65
CA TYR C 172 12.46 -25.79 15.81
C TYR C 172 13.32 -25.59 17.06
N SER C 173 12.83 -24.77 17.98
CA SER C 173 13.53 -24.53 19.24
C SER C 173 12.57 -25.00 20.34
N MET C 174 13.14 -25.36 21.49
CA MET C 174 12.33 -25.85 22.62
C MET C 174 12.89 -25.33 23.95
N SER C 175 12.00 -25.12 24.89
CA SER C 175 12.42 -24.64 26.19
C SER C 175 11.85 -25.52 27.27
N SER C 176 12.63 -25.71 28.32
CA SER C 176 12.15 -26.48 29.44
C SER C 176 12.49 -25.67 30.66
N THR C 177 11.49 -25.45 31.50
CA THR C 177 11.65 -24.67 32.72
C THR C 177 11.39 -25.50 33.97
N LEU C 178 12.43 -25.73 34.78
CA LEU C 178 12.26 -26.47 36.01
C LEU C 178 12.14 -25.46 37.14
N SER C 179 10.94 -25.31 37.68
CA SER C 179 10.73 -24.37 38.76
C SER C 179 10.58 -25.07 40.11
N LEU C 180 11.26 -24.53 41.11
CA LEU C 180 11.20 -25.08 42.46
C LEU C 180 11.47 -24.04 43.55
N THR C 181 11.31 -24.49 44.80
CA THR C 181 11.51 -23.67 45.99
C THR C 181 12.99 -23.31 46.11
N LYS C 182 13.28 -22.06 46.46
CA LYS C 182 14.65 -21.63 46.63
C LYS C 182 15.27 -22.42 47.78
N ALA C 183 14.44 -23.17 48.48
CA ALA C 183 14.89 -24.00 49.60
C ALA C 183 15.12 -25.43 49.09
N ASP C 184 14.39 -25.78 48.03
CA ASP C 184 14.50 -27.09 47.38
C ASP C 184 15.77 -27.04 46.52
N TYR C 185 15.95 -25.92 45.82
CA TYR C 185 17.11 -25.70 44.95
C TYR C 185 18.39 -25.82 45.72
N GLU C 186 18.32 -25.56 47.02
CA GLU C 186 19.51 -25.63 47.86
C GLU C 186 19.78 -27.01 48.46
N SER C 187 18.73 -27.83 48.57
CA SER C 187 18.88 -29.18 49.12
C SER C 187 19.69 -30.05 48.16
N HIS C 188 19.87 -29.54 46.93
CA HIS C 188 20.61 -30.24 45.87
C HIS C 188 21.83 -29.46 45.37
N ASN C 189 22.65 -30.14 44.57
CA ASN C 189 23.89 -29.57 44.02
C ASN C 189 24.08 -29.80 42.52
N LEU C 190 23.76 -31.02 42.06
CA LEU C 190 23.91 -31.38 40.65
C LEU C 190 22.69 -31.08 39.79
N TYR C 191 22.85 -30.12 38.87
CA TYR C 191 21.75 -29.76 37.98
C TYR C 191 22.05 -30.12 36.52
N THR C 192 21.48 -31.25 36.12
CA THR C 192 21.68 -31.81 34.79
C THR C 192 20.45 -31.68 33.88
N CYS C 193 20.65 -31.01 32.73
CA CYS C 193 19.57 -30.85 31.77
C CYS C 193 19.46 -32.14 30.97
N GLU C 194 20.38 -32.31 30.02
CA GLU C 194 20.43 -33.50 29.17
C GLU C 194 19.15 -33.76 28.37
N VAL C 195 19.29 -33.89 27.06
CA VAL C 195 18.16 -34.17 26.19
C VAL C 195 18.67 -35.16 25.16
N VAL C 196 17.79 -35.90 24.51
CA VAL C 196 18.24 -36.86 23.50
C VAL C 196 17.57 -36.70 22.15
N HIS C 197 18.32 -36.18 21.19
CA HIS C 197 17.77 -35.98 19.86
C HIS C 197 17.96 -37.22 19.03
N LYS C 198 17.37 -37.22 17.85
CA LYS C 198 17.51 -38.37 16.97
C LYS C 198 18.59 -38.01 15.97
N THR C 199 19.61 -37.33 16.46
CA THR C 199 20.75 -36.93 15.65
C THR C 199 22.00 -37.21 16.46
N SER C 200 21.79 -37.58 17.73
CA SER C 200 22.90 -37.88 18.63
C SER C 200 22.69 -39.31 19.12
N SER C 201 23.76 -40.10 19.05
CA SER C 201 23.74 -41.50 19.47
C SER C 201 23.77 -41.63 21.01
N SER C 202 23.21 -40.61 21.67
CA SER C 202 23.16 -40.53 23.13
C SER C 202 22.54 -39.16 23.49
N PRO C 203 22.43 -38.84 24.80
CA PRO C 203 21.86 -37.56 25.23
C PRO C 203 22.89 -36.42 25.24
N VAL C 204 22.44 -35.21 24.92
CA VAL C 204 23.29 -34.02 24.92
C VAL C 204 23.13 -33.36 26.30
N VAL C 205 23.77 -33.96 27.29
CA VAL C 205 23.68 -33.46 28.66
C VAL C 205 24.41 -32.19 29.00
N LYS C 206 23.67 -31.15 29.35
CA LYS C 206 24.27 -29.89 29.77
C LYS C 206 23.97 -29.72 31.27
N SER C 207 25.02 -29.58 32.07
CA SER C 207 24.88 -29.45 33.52
C SER C 207 25.60 -28.25 34.07
N PHE C 208 25.13 -27.76 35.21
CA PHE C 208 25.75 -26.62 35.87
C PHE C 208 25.96 -26.88 37.36
N ASN C 209 27.05 -26.29 37.85
CA ASN C 209 27.52 -26.36 39.24
C ASN C 209 26.42 -26.41 40.30
N ARG C 210 25.93 -25.21 40.66
CA ARG C 210 24.89 -24.95 41.67
C ARG C 210 25.55 -23.93 42.56
N ASN C 211 26.83 -24.19 42.85
CA ASN C 211 27.64 -23.33 43.69
C ASN C 211 27.84 -22.00 42.95
N GLU C 212 29.11 -21.66 42.70
CA GLU C 212 29.48 -20.42 42.02
C GLU C 212 28.75 -19.19 42.61
N CYS C 213 29.15 -17.99 42.20
CA CYS C 213 28.58 -16.72 42.72
C CYS C 213 27.14 -16.77 43.22
N GLU D 1 -1.22 4.99 3.37
CA GLU D 1 -1.37 5.89 4.55
C GLU D 1 -2.64 5.55 5.31
N VAL D 2 -3.29 4.49 4.87
CA VAL D 2 -4.52 4.04 5.49
C VAL D 2 -4.13 3.26 6.73
N LYS D 3 -4.96 3.31 7.77
CA LYS D 3 -4.68 2.60 9.03
C LYS D 3 -5.92 2.34 9.91
N LEU D 4 -5.80 1.36 10.81
CA LEU D 4 -6.87 0.97 11.75
C LEU D 4 -6.27 0.54 13.09
N LEU D 5 -6.90 0.94 14.19
CA LEU D 5 -6.41 0.58 15.52
C LEU D 5 -7.54 0.13 16.42
N GLU D 6 -7.40 -1.03 17.04
CA GLU D 6 -8.40 -1.57 17.95
C GLU D 6 -8.06 -1.16 19.37
N SER D 7 -9.07 -0.81 20.17
CA SER D 7 -8.86 -0.40 21.56
C SER D 7 -9.84 -1.16 22.44
N GLY D 8 -9.44 -1.47 23.67
CA GLY D 8 -10.32 -2.19 24.56
C GLY D 8 -9.56 -2.94 25.65
N PRO D 9 -10.28 -3.53 26.61
CA PRO D 9 -9.78 -4.30 27.77
C PRO D 9 -9.21 -5.68 27.43
N GLY D 10 -8.03 -6.01 27.94
CA GLY D 10 -7.44 -7.29 27.67
C GLY D 10 -8.06 -8.40 28.50
N LEU D 11 -8.87 -8.02 29.47
CA LEU D 11 -9.51 -8.98 30.36
C LEU D 11 -10.86 -8.47 30.82
N VAL D 12 -11.90 -9.23 30.54
CA VAL D 12 -13.26 -8.90 30.93
C VAL D 12 -13.85 -10.08 31.71
N GLN D 13 -14.87 -9.81 32.51
CA GLN D 13 -15.51 -10.86 33.28
C GLN D 13 -16.62 -11.54 32.48
N PRO D 14 -16.89 -12.83 32.76
CA PRO D 14 -17.94 -13.53 32.04
C PRO D 14 -19.29 -12.82 32.20
N SER D 15 -20.23 -13.09 31.29
CA SER D 15 -21.56 -12.50 31.37
C SER D 15 -21.58 -10.98 31.14
N GLN D 16 -20.47 -10.31 31.45
CA GLN D 16 -20.36 -8.87 31.25
C GLN D 16 -20.43 -8.62 29.76
N THR D 17 -20.25 -7.38 29.32
CA THR D 17 -20.30 -7.14 27.89
C THR D 17 -19.04 -6.44 27.41
N LEU D 18 -18.49 -6.90 26.30
CA LEU D 18 -17.29 -6.33 25.75
C LEU D 18 -17.56 -5.23 24.75
N SER D 19 -16.89 -4.10 24.93
CA SER D 19 -17.01 -2.96 24.03
C SER D 19 -15.64 -2.63 23.46
N LEU D 20 -15.50 -2.77 22.13
CA LEU D 20 -14.25 -2.49 21.47
C LEU D 20 -14.40 -1.32 20.50
N THR D 21 -13.28 -0.69 20.19
CA THR D 21 -13.28 0.45 19.29
C THR D 21 -12.24 0.38 18.20
N CYS D 22 -12.70 0.50 16.96
CA CYS D 22 -11.79 0.49 15.84
C CYS D 22 -11.67 1.93 15.33
N THR D 23 -10.49 2.48 15.50
CA THR D 23 -10.23 3.82 15.06
C THR D 23 -9.61 3.79 13.67
N VAL D 24 -10.38 4.26 12.70
CA VAL D 24 -9.97 4.34 11.30
C VAL D 24 -9.07 5.57 11.05
N SER D 25 -8.11 5.45 10.12
CA SER D 25 -7.17 6.56 9.89
C SER D 25 -6.99 7.22 8.51
N GLY D 26 -6.62 6.46 7.48
CA GLY D 26 -6.42 7.10 6.19
C GLY D 26 -7.54 7.08 5.16
N PHE D 27 -8.76 6.81 5.61
CA PHE D 27 -9.96 6.73 4.77
C PHE D 27 -11.18 7.08 5.62
N PRO D 28 -12.35 7.37 4.99
CA PRO D 28 -13.63 7.72 5.66
C PRO D 28 -14.62 6.56 5.81
N LEU D 29 -15.23 6.46 6.99
CA LEU D 29 -16.21 5.41 7.24
C LEU D 29 -17.40 5.61 6.31
N THR D 30 -17.36 6.70 5.56
CA THR D 30 -18.44 7.08 4.67
C THR D 30 -18.34 6.39 3.31
N THR D 31 -17.17 5.86 2.99
CA THR D 31 -17.02 5.15 1.72
C THR D 31 -16.32 3.82 1.96
N ASN D 32 -15.99 3.59 3.22
CA ASN D 32 -15.31 2.36 3.61
C ASN D 32 -16.12 1.69 4.68
N GLY D 33 -16.38 0.40 4.49
CA GLY D 33 -17.11 -0.33 5.49
C GLY D 33 -16.02 -0.81 6.39
N VAL D 34 -16.36 -1.40 7.52
CA VAL D 34 -15.35 -1.90 8.42
C VAL D 34 -15.92 -3.18 9.00
N SER D 35 -15.04 -4.13 9.29
CA SER D 35 -15.45 -5.41 9.82
C SER D 35 -14.61 -5.74 11.01
N TRP D 36 -15.16 -6.59 11.89
CA TRP D 36 -14.44 -7.10 13.07
C TRP D 36 -14.17 -8.60 12.76
N VAL D 37 -13.02 -9.09 13.16
CA VAL D 37 -12.67 -10.47 12.88
C VAL D 37 -11.86 -10.87 14.09
N ARG D 38 -12.24 -11.99 14.70
CA ARG D 38 -11.55 -12.43 15.89
C ARG D 38 -10.81 -13.73 15.63
N GLN D 39 -9.76 -13.98 16.40
CA GLN D 39 -9.00 -15.19 16.21
C GLN D 39 -8.55 -15.78 17.53
N PRO D 40 -9.22 -16.85 17.97
CA PRO D 40 -8.83 -17.49 19.23
C PRO D 40 -7.32 -17.76 19.26
N PRO D 41 -6.75 -17.93 20.46
CA PRO D 41 -5.31 -18.20 20.54
C PRO D 41 -4.93 -19.58 20.03
N GLY D 42 -4.22 -19.62 18.92
CA GLY D 42 -3.78 -20.89 18.35
C GLY D 42 -4.73 -21.45 17.32
N LYS D 43 -5.83 -20.74 17.08
CA LYS D 43 -6.82 -21.18 16.12
C LYS D 43 -6.90 -20.20 14.96
N GLY D 44 -7.96 -20.30 14.16
CA GLY D 44 -8.09 -19.43 13.01
C GLY D 44 -9.05 -18.24 13.06
N LEU D 45 -8.96 -17.45 11.99
CA LEU D 45 -9.75 -16.25 11.80
C LEU D 45 -11.25 -16.46 11.68
N GLU D 46 -12.01 -15.72 12.50
CA GLU D 46 -13.48 -15.76 12.46
C GLU D 46 -13.99 -14.36 12.27
N TRP D 47 -14.80 -14.18 11.24
CA TRP D 47 -15.40 -12.89 10.92
C TRP D 47 -16.61 -12.78 11.82
N ILE D 48 -16.70 -11.71 12.59
CA ILE D 48 -17.86 -11.61 13.44
C ILE D 48 -18.85 -10.53 13.08
N ALA D 49 -18.38 -9.39 12.61
CA ALA D 49 -19.34 -8.36 12.27
C ALA D 49 -18.87 -7.38 11.23
N ALA D 50 -19.83 -6.75 10.56
CA ALA D 50 -19.49 -5.79 9.54
C ALA D 50 -20.43 -4.60 9.52
N ILE D 51 -19.90 -3.44 9.15
CA ILE D 51 -20.75 -2.24 9.01
C ILE D 51 -20.35 -1.60 7.68
N SER D 52 -21.33 -1.37 6.81
CA SER D 52 -21.07 -0.80 5.51
C SER D 52 -20.78 0.68 5.53
N SER D 53 -20.43 1.20 4.36
CA SER D 53 -20.11 2.60 4.20
C SER D 53 -21.41 3.38 4.28
N GLY D 54 -22.51 2.65 4.44
CA GLY D 54 -23.82 3.26 4.54
C GLY D 54 -24.41 3.07 5.92
N GLY D 55 -23.73 2.33 6.76
CA GLY D 55 -24.23 2.15 8.10
C GLY D 55 -25.02 0.90 8.38
N SER D 56 -25.16 0.02 7.39
CA SER D 56 -25.91 -1.23 7.56
C SER D 56 -25.08 -2.29 8.29
N PRO D 57 -25.58 -2.79 9.43
CA PRO D 57 -24.88 -3.80 10.22
C PRO D 57 -25.18 -5.23 9.76
N TYR D 58 -24.14 -6.07 9.68
CA TYR D 58 -24.27 -7.46 9.30
C TYR D 58 -23.46 -8.27 10.32
N TYR D 59 -23.96 -9.43 10.73
CA TYR D 59 -23.25 -10.25 11.71
C TYR D 59 -23.14 -11.73 11.38
N ASN D 60 -22.17 -12.38 12.03
CA ASN D 60 -21.94 -13.82 11.91
C ASN D 60 -23.23 -14.44 12.48
N SER D 61 -23.78 -15.47 11.84
CA SER D 61 -25.00 -16.09 12.33
C SER D 61 -24.90 -16.82 13.66
N ALA D 62 -23.70 -17.13 14.12
CA ALA D 62 -23.53 -17.81 15.39
C ALA D 62 -23.42 -16.81 16.58
N LEU D 63 -23.42 -15.51 16.25
CA LEU D 63 -23.30 -14.45 17.25
C LEU D 63 -24.28 -13.31 17.00
N LYS D 64 -25.11 -13.48 15.97
CA LYS D 64 -26.11 -12.49 15.56
C LYS D 64 -27.01 -11.94 16.69
N SER D 65 -27.06 -12.65 17.80
CA SER D 65 -27.91 -12.24 18.91
C SER D 65 -27.23 -11.30 19.91
N ARG D 66 -26.02 -11.64 20.36
CA ARG D 66 -25.32 -10.80 21.34
C ARG D 66 -24.29 -9.91 20.70
N LEU D 67 -24.57 -9.45 19.50
CA LEU D 67 -23.64 -8.59 18.80
C LEU D 67 -24.26 -7.29 18.29
N SER D 68 -23.55 -6.18 18.48
CA SER D 68 -24.00 -4.89 17.99
C SER D 68 -22.80 -4.18 17.38
N ILE D 69 -22.95 -3.62 16.19
CA ILE D 69 -21.87 -2.88 15.57
C ILE D 69 -22.44 -1.53 15.16
N ASN D 70 -21.75 -0.46 15.52
CA ASN D 70 -22.17 0.91 15.18
C ASN D 70 -20.95 1.74 14.84
N ARG D 71 -21.21 2.93 14.31
CA ARG D 71 -20.13 3.82 13.93
C ARG D 71 -20.37 5.27 14.34
N ASP D 72 -19.28 6.01 14.51
CA ASP D 72 -19.35 7.43 14.82
C ASP D 72 -18.63 8.14 13.67
N THR D 73 -19.38 8.46 12.62
CA THR D 73 -18.86 9.13 11.44
C THR D 73 -18.20 10.49 11.65
N SER D 74 -18.33 11.06 12.84
CA SER D 74 -17.69 12.34 13.09
C SER D 74 -16.26 12.13 13.61
N LYS D 75 -15.99 10.94 14.17
CA LYS D 75 -14.67 10.64 14.70
C LYS D 75 -13.98 9.40 14.12
N SER D 76 -14.52 8.88 13.02
CA SER D 76 -13.92 7.71 12.38
C SER D 76 -13.73 6.48 13.25
N GLN D 77 -14.78 6.10 13.98
CA GLN D 77 -14.69 4.93 14.84
C GLN D 77 -15.86 3.96 14.69
N VAL D 78 -15.54 2.67 14.78
CA VAL D 78 -16.55 1.66 14.70
C VAL D 78 -16.49 0.97 16.04
N PHE D 79 -17.64 0.73 16.64
CA PHE D 79 -17.68 0.08 17.94
C PHE D 79 -18.29 -1.29 17.80
N LEU D 80 -17.79 -2.20 18.60
CA LEU D 80 -18.30 -3.55 18.60
C LEU D 80 -18.64 -3.76 20.07
N LYS D 81 -19.84 -4.27 20.32
CA LYS D 81 -20.28 -4.54 21.67
C LYS D 81 -20.81 -5.96 21.68
N MET D 82 -20.28 -6.80 22.56
CA MET D 82 -20.74 -8.18 22.63
C MET D 82 -21.01 -8.55 24.06
N ASN D 83 -22.22 -8.97 24.36
CA ASN D 83 -22.51 -9.33 25.73
C ASN D 83 -22.66 -10.82 25.84
N SER D 84 -23.01 -11.27 27.03
CA SER D 84 -23.16 -12.70 27.27
C SER D 84 -21.79 -13.34 27.09
N LEU D 85 -20.75 -12.52 27.30
CA LEU D 85 -19.37 -12.96 27.16
C LEU D 85 -19.18 -14.29 27.84
N GLN D 86 -18.37 -15.15 27.21
CA GLN D 86 -18.02 -16.49 27.71
C GLN D 86 -16.55 -16.80 27.34
N THR D 87 -15.91 -17.69 28.09
CA THR D 87 -14.50 -18.05 27.84
C THR D 87 -14.16 -18.12 26.36
N GLU D 88 -14.86 -18.98 25.65
CA GLU D 88 -14.63 -19.17 24.21
C GLU D 88 -14.48 -17.85 23.47
N ASP D 89 -14.95 -16.77 24.08
CA ASP D 89 -14.87 -15.45 23.47
C ASP D 89 -13.52 -14.80 23.54
N THR D 90 -12.61 -15.36 24.32
CA THR D 90 -11.30 -14.74 24.44
C THR D 90 -10.43 -15.03 23.22
N ALA D 91 -10.09 -13.96 22.50
CA ALA D 91 -9.31 -14.02 21.28
C ALA D 91 -8.64 -12.68 21.02
N ILE D 92 -8.07 -12.56 19.82
CA ILE D 92 -7.43 -11.32 19.40
C ILE D 92 -8.53 -10.75 18.53
N TYR D 93 -8.89 -9.50 18.73
CA TYR D 93 -9.93 -8.91 17.90
C TYR D 93 -9.29 -7.93 16.92
N PHE D 94 -9.61 -8.11 15.65
CA PHE D 94 -9.06 -7.30 14.55
C PHE D 94 -10.20 -6.58 13.86
N CYS D 95 -9.86 -5.49 13.18
CA CYS D 95 -10.84 -4.74 12.39
C CYS D 95 -10.21 -4.46 11.02
N THR D 96 -11.03 -4.58 9.97
CA THR D 96 -10.58 -4.36 8.58
C THR D 96 -11.52 -3.46 7.80
N ARG D 97 -10.98 -2.79 6.77
CA ARG D 97 -11.76 -1.91 5.91
C ARG D 97 -12.23 -2.69 4.67
N GLU D 98 -13.26 -2.21 3.98
CA GLU D 98 -13.76 -2.95 2.84
C GLU D 98 -14.12 -2.18 1.56
N ASP D 99 -13.96 -0.86 1.57
CA ASP D 99 -14.23 0.01 0.40
C ASP D 99 -14.90 -0.49 -0.90
N GLY D 100 -15.62 -1.61 -0.86
CA GLY D 100 -16.32 -2.10 -2.04
C GLY D 100 -15.57 -2.62 -3.27
N TRP D 101 -14.23 -2.54 -3.24
CA TRP D 101 -13.36 -3.03 -4.32
C TRP D 101 -12.25 -3.84 -3.65
N ASN D 102 -11.65 -3.26 -2.63
CA ASN D 102 -10.60 -3.93 -1.86
C ASN D 102 -11.29 -4.44 -0.63
N TYR D 103 -11.02 -5.67 -0.25
CA TYR D 103 -11.66 -6.20 0.93
C TYR D 103 -10.68 -6.83 1.90
N PHE D 104 -10.76 -6.42 3.15
CA PHE D 104 -9.90 -6.98 4.17
C PHE D 104 -8.40 -6.94 3.84
N ASP D 105 -7.96 -5.82 3.27
CA ASP D 105 -6.54 -5.66 2.96
C ASP D 105 -5.85 -5.00 4.14
N TYR D 106 -6.42 -3.90 4.64
CA TYR D 106 -5.85 -3.20 5.78
C TYR D 106 -6.43 -3.74 7.09
N TRP D 107 -5.55 -4.09 8.03
CA TRP D 107 -5.93 -4.67 9.32
C TRP D 107 -5.32 -3.93 10.52
N GLY D 108 -6.01 -3.89 11.64
CA GLY D 108 -5.41 -3.25 12.79
C GLY D 108 -4.37 -4.25 13.30
N PRO D 109 -3.63 -3.95 14.38
CA PRO D 109 -2.66 -4.94 14.87
C PRO D 109 -3.42 -5.91 15.77
N GLY D 110 -4.66 -5.53 16.11
CA GLY D 110 -5.55 -6.33 16.94
C GLY D 110 -5.37 -6.24 18.44
N THR D 111 -6.39 -6.65 19.20
CA THR D 111 -6.27 -6.64 20.66
C THR D 111 -6.71 -7.92 21.29
N MET D 112 -5.85 -8.48 22.12
CA MET D 112 -6.21 -9.69 22.81
C MET D 112 -7.14 -9.26 23.94
N VAL D 113 -8.30 -9.91 24.00
CA VAL D 113 -9.27 -9.66 25.05
C VAL D 113 -9.53 -11.04 25.63
N THR D 114 -9.45 -11.14 26.95
CA THR D 114 -9.66 -12.39 27.65
C THR D 114 -10.87 -12.36 28.60
N VAL D 115 -11.80 -13.31 28.44
CA VAL D 115 -12.98 -13.38 29.30
C VAL D 115 -12.64 -14.38 30.41
N SER D 116 -12.57 -13.88 31.63
CA SER D 116 -12.23 -14.68 32.81
C SER D 116 -12.60 -13.86 34.03
N SER D 117 -12.95 -14.53 35.12
CA SER D 117 -13.30 -13.81 36.33
C SER D 117 -12.03 -13.53 37.13
N ALA D 118 -10.90 -13.99 36.61
CA ALA D 118 -9.62 -13.82 37.28
C ALA D 118 -9.19 -12.36 37.30
N GLN D 119 -8.04 -12.13 37.92
CA GLN D 119 -7.48 -10.80 38.07
C GLN D 119 -6.17 -10.70 37.29
N THR D 120 -5.94 -9.56 36.65
CA THR D 120 -4.74 -9.37 35.88
C THR D 120 -3.51 -9.22 36.77
N THR D 121 -2.54 -10.09 36.53
CA THR D 121 -1.28 -10.13 37.27
C THR D 121 -0.12 -9.84 36.32
N ALA D 122 0.68 -8.83 36.62
CA ALA D 122 1.81 -8.48 35.75
C ALA D 122 2.87 -9.58 35.78
N PRO D 123 3.74 -9.62 34.77
CA PRO D 123 4.77 -10.65 34.75
C PRO D 123 5.97 -10.35 35.64
N SER D 124 6.71 -11.40 35.94
CA SER D 124 7.90 -11.29 36.73
C SER D 124 9.02 -11.65 35.79
N VAL D 125 9.84 -10.66 35.43
CA VAL D 125 10.93 -10.91 34.51
C VAL D 125 12.30 -11.07 35.14
N TYR D 126 12.95 -12.17 34.80
CA TYR D 126 14.26 -12.47 35.32
C TYR D 126 15.20 -12.63 34.15
N PRO D 127 16.45 -12.18 34.31
CA PRO D 127 17.37 -12.36 33.17
C PRO D 127 17.83 -13.81 33.08
N LEU D 128 18.40 -14.14 31.93
CA LEU D 128 18.92 -15.47 31.64
C LEU D 128 20.32 -15.43 31.02
N ALA D 129 21.34 -15.39 31.88
CA ALA D 129 22.73 -15.39 31.46
C ALA D 129 23.35 -16.65 32.07
N PRO D 130 24.48 -17.13 31.50
CA PRO D 130 25.16 -18.34 31.98
C PRO D 130 25.56 -18.36 33.47
N GLY D 131 25.70 -19.56 34.03
CA GLY D 131 26.09 -19.68 35.43
C GLY D 131 27.34 -18.89 35.76
N CYS D 132 27.69 -18.82 37.04
CA CYS D 132 28.86 -18.05 37.46
C CYS D 132 30.20 -18.60 36.98
N GLY D 133 30.24 -19.86 36.56
CA GLY D 133 31.49 -20.44 36.11
C GLY D 133 31.48 -21.04 34.71
N ASP D 134 30.30 -21.18 34.13
CA ASP D 134 30.15 -21.72 32.79
C ASP D 134 30.74 -20.71 31.82
N THR D 135 31.93 -21.01 31.29
CA THR D 135 32.66 -20.16 30.35
C THR D 135 31.94 -19.94 29.03
N THR D 136 32.07 -18.72 28.50
CA THR D 136 31.42 -18.38 27.23
C THR D 136 32.14 -19.06 26.08
N SER D 137 31.38 -19.38 25.04
CA SER D 137 31.89 -20.04 23.84
C SER D 137 31.81 -19.08 22.64
N SER D 138 32.05 -17.80 22.91
CA SER D 138 32.01 -16.73 21.90
C SER D 138 30.60 -16.14 21.79
N THR D 139 29.83 -16.67 20.85
CA THR D 139 28.44 -16.25 20.60
C THR D 139 27.60 -16.82 21.75
N VAL D 140 27.06 -15.92 22.56
CA VAL D 140 26.30 -16.30 23.74
C VAL D 140 24.78 -16.27 23.63
N THR D 141 24.15 -17.38 24.03
CA THR D 141 22.70 -17.49 24.04
C THR D 141 22.21 -16.86 25.34
N LEU D 142 21.24 -15.95 25.22
CA LEU D 142 20.66 -15.27 26.38
C LEU D 142 19.13 -15.35 26.33
N GLY D 143 18.47 -14.74 27.32
CA GLY D 143 17.01 -14.76 27.37
C GLY D 143 16.45 -14.02 28.55
N CYS D 144 15.15 -14.16 28.79
CA CYS D 144 14.48 -13.53 29.92
C CYS D 144 13.34 -14.44 30.30
N LEU D 145 13.14 -14.62 31.59
CA LEU D 145 12.06 -15.46 32.04
C LEU D 145 10.92 -14.54 32.44
N VAL D 146 9.92 -14.47 31.56
CA VAL D 146 8.74 -13.65 31.79
C VAL D 146 7.70 -14.59 32.37
N LYS D 147 7.60 -14.65 33.69
CA LYS D 147 6.64 -15.58 34.26
C LYS D 147 5.58 -15.01 35.18
N GLY D 148 4.61 -15.86 35.51
CA GLY D 148 3.55 -15.47 36.39
C GLY D 148 2.79 -14.21 35.99
N TYR D 149 2.28 -14.21 34.77
CA TYR D 149 1.49 -13.09 34.28
C TYR D 149 0.17 -13.62 33.72
N PHE D 150 -0.86 -12.79 33.79
CA PHE D 150 -2.18 -13.14 33.29
C PHE D 150 -2.90 -11.84 32.94
N PRO D 151 -3.64 -11.82 31.84
CA PRO D 151 -3.77 -12.99 30.97
C PRO D 151 -2.73 -12.83 29.89
N GLU D 152 -3.00 -13.41 28.73
CA GLU D 152 -2.14 -13.27 27.59
C GLU D 152 -2.61 -11.97 26.96
N PRO D 153 -1.81 -11.35 26.10
CA PRO D 153 -0.49 -11.81 25.69
C PRO D 153 0.56 -10.94 26.36
N VAL D 154 1.81 -11.28 26.07
CA VAL D 154 2.97 -10.57 26.56
C VAL D 154 3.97 -10.63 25.41
N THR D 155 4.52 -9.49 25.05
CA THR D 155 5.50 -9.45 23.97
C THR D 155 6.86 -9.04 24.55
N VAL D 156 7.92 -9.42 23.85
CA VAL D 156 9.27 -9.09 24.30
C VAL D 156 10.22 -8.86 23.13
N THR D 157 11.05 -7.84 23.27
CA THR D 157 12.04 -7.50 22.26
C THR D 157 13.43 -7.41 22.93
N TRP D 158 14.45 -7.15 22.14
CA TRP D 158 15.81 -7.06 22.67
C TRP D 158 16.47 -5.78 22.19
N ASN D 159 17.20 -5.11 23.08
CA ASN D 159 17.89 -3.89 22.70
C ASN D 159 16.90 -3.00 21.95
N SER D 160 15.63 -3.10 22.30
CA SER D 160 14.59 -2.30 21.66
C SER D 160 14.47 -2.66 20.19
N GLY D 161 14.12 -3.91 19.91
CA GLY D 161 13.98 -4.37 18.53
C GLY D 161 15.18 -4.18 17.61
N ALA D 162 16.34 -3.82 18.18
CA ALA D 162 17.57 -3.59 17.43
C ALA D 162 18.43 -4.85 17.28
N LEU D 163 18.15 -5.87 18.10
CA LEU D 163 18.88 -7.13 18.06
C LEU D 163 18.24 -8.03 17.00
N SER D 164 17.03 -8.51 17.30
CA SER D 164 16.29 -9.37 16.38
C SER D 164 16.97 -10.72 16.17
N SER D 165 18.30 -10.72 16.29
CA SER D 165 19.16 -11.91 16.13
C SER D 165 18.45 -13.22 15.82
N ASP D 166 18.42 -14.09 16.83
CA ASP D 166 17.78 -15.38 16.71
C ASP D 166 16.78 -15.37 17.84
N VAL D 167 15.79 -14.51 17.75
CA VAL D 167 14.82 -14.45 18.80
C VAL D 167 13.90 -15.64 18.76
N HIS D 168 14.04 -16.49 19.77
CA HIS D 168 13.21 -17.67 19.89
C HIS D 168 12.32 -17.38 21.07
N THR D 169 11.34 -16.51 20.86
CA THR D 169 10.38 -16.17 21.90
C THR D 169 9.49 -17.41 22.07
N PHE D 170 9.46 -17.97 23.27
CA PHE D 170 8.72 -19.21 23.50
C PHE D 170 7.24 -19.15 23.83
N PRO D 171 6.42 -19.87 23.06
CA PRO D 171 4.97 -19.90 23.31
C PRO D 171 4.73 -19.98 24.82
N ALA D 172 3.75 -19.22 25.31
CA ALA D 172 3.45 -19.19 26.73
C ALA D 172 2.80 -20.48 27.23
N VAL D 173 2.94 -20.73 28.52
CA VAL D 173 2.37 -21.91 29.16
C VAL D 173 1.69 -21.55 30.47
N LEU D 174 0.40 -21.84 30.57
CA LEU D 174 -0.35 -21.53 31.79
C LEU D 174 -0.22 -22.61 32.84
N GLN D 175 0.35 -22.23 33.97
CA GLN D 175 0.51 -23.15 35.09
C GLN D 175 -0.46 -22.67 36.18
N SER D 176 -1.35 -23.58 36.59
CA SER D 176 -2.36 -23.28 37.61
C SER D 176 -3.23 -22.13 37.10
N GLY D 177 -2.79 -20.90 37.36
CA GLY D 177 -3.55 -19.76 36.90
C GLY D 177 -2.83 -18.72 36.07
N LEU D 178 -1.51 -18.85 35.93
CA LEU D 178 -0.72 -17.89 35.16
C LEU D 178 0.13 -18.46 34.06
N TYR D 179 0.61 -17.56 33.21
CA TYR D 179 1.46 -17.94 32.11
C TYR D 179 2.92 -17.67 32.44
N THR D 180 3.79 -18.49 31.86
CA THR D 180 5.25 -18.39 32.04
C THR D 180 5.80 -18.60 30.63
N LEU D 181 6.59 -17.65 30.14
CA LEU D 181 7.14 -17.78 28.80
C LEU D 181 8.57 -17.30 28.81
N THR D 182 9.40 -17.83 27.91
CA THR D 182 10.81 -17.44 27.83
C THR D 182 11.11 -16.94 26.43
N SER D 183 11.93 -15.90 26.33
CA SER D 183 12.35 -15.36 25.02
C SER D 183 13.86 -15.48 24.96
N SER D 184 14.37 -16.09 23.89
CA SER D 184 15.81 -16.26 23.76
C SER D 184 16.36 -15.47 22.60
N VAL D 185 17.65 -15.14 22.67
CA VAL D 185 18.37 -14.41 21.63
C VAL D 185 19.85 -14.80 21.73
N THR D 186 20.62 -14.60 20.67
CA THR D 186 22.04 -14.91 20.76
C THR D 186 22.82 -13.69 20.31
N SER D 187 24.09 -13.64 20.70
CA SER D 187 24.95 -12.53 20.32
C SER D 187 26.32 -12.75 20.91
N SER D 188 27.34 -12.16 20.28
CA SER D 188 28.71 -12.33 20.74
C SER D 188 29.40 -11.06 21.23
N THR D 189 28.77 -9.89 21.04
CA THR D 189 29.39 -8.66 21.53
C THR D 189 29.10 -8.51 23.02
N TRP D 190 28.18 -9.32 23.52
CA TRP D 190 27.88 -9.34 24.95
C TRP D 190 28.96 -10.34 25.41
N PRO D 191 29.57 -10.11 26.57
CA PRO D 191 29.44 -9.08 27.60
C PRO D 191 29.52 -7.62 27.17
N SER D 192 30.56 -7.27 26.42
CA SER D 192 30.80 -5.89 25.95
C SER D 192 29.55 -5.10 25.51
N GLN D 193 28.77 -5.68 24.61
CA GLN D 193 27.56 -5.02 24.11
C GLN D 193 26.38 -5.36 25.01
N THR D 194 25.79 -4.34 25.63
CA THR D 194 24.64 -4.50 26.53
C THR D 194 23.40 -5.04 25.84
N VAL D 195 22.96 -6.22 26.30
CA VAL D 195 21.75 -6.86 25.77
C VAL D 195 20.69 -6.82 26.86
N THR D 196 19.51 -6.36 26.50
CA THR D 196 18.44 -6.29 27.48
C THR D 196 17.09 -6.45 26.81
N CYS D 197 16.26 -7.32 27.38
CA CYS D 197 14.93 -7.60 26.84
C CYS D 197 13.85 -6.56 27.19
N ASN D 198 12.97 -6.29 26.24
CA ASN D 198 11.91 -5.32 26.45
C ASN D 198 10.55 -5.98 26.50
N VAL D 199 10.15 -6.39 27.70
CA VAL D 199 8.85 -7.03 27.87
C VAL D 199 7.78 -5.99 28.16
N ALA D 200 6.58 -6.28 27.66
CA ALA D 200 5.41 -5.44 27.80
C ALA D 200 4.19 -6.30 28.07
N HIS D 201 3.34 -5.90 29.02
CA HIS D 201 2.12 -6.63 29.32
C HIS D 201 0.95 -5.65 29.24
N PRO D 202 0.23 -5.65 28.11
CA PRO D 202 -0.91 -4.77 27.85
C PRO D 202 -1.99 -4.78 28.94
N ALA D 203 -2.56 -5.95 29.20
CA ALA D 203 -3.61 -6.14 30.19
C ALA D 203 -3.30 -5.41 31.49
N SER D 204 -2.03 -5.44 31.89
CA SER D 204 -1.56 -4.79 33.11
C SER D 204 -0.92 -3.43 32.78
N SER D 205 -0.91 -3.07 31.50
CA SER D 205 -0.33 -1.82 31.03
C SER D 205 1.11 -1.60 31.50
N THR D 206 1.73 -2.67 32.00
CA THR D 206 3.11 -2.64 32.50
C THR D 206 4.15 -2.90 31.43
N LYS D 207 5.32 -2.33 31.64
CA LYS D 207 6.45 -2.46 30.74
C LYS D 207 7.72 -2.67 31.57
N VAL D 208 8.44 -3.76 31.28
CA VAL D 208 9.67 -4.02 32.01
C VAL D 208 10.85 -4.09 31.04
N ASP D 209 12.00 -3.59 31.51
CA ASP D 209 13.24 -3.58 30.73
C ASP D 209 14.32 -4.30 31.53
N LYS D 210 14.40 -5.61 31.35
CA LYS D 210 15.37 -6.44 32.07
C LYS D 210 16.74 -6.54 31.40
N LYS D 211 17.72 -5.87 32.00
CA LYS D 211 19.09 -5.86 31.51
C LYS D 211 19.77 -7.13 31.94
N LEU D 212 20.13 -7.97 30.95
CA LEU D 212 20.83 -9.21 31.21
C LEU D 212 22.24 -8.80 31.60
N GLU D 213 22.57 -8.97 32.87
CA GLU D 213 23.86 -8.53 33.36
C GLU D 213 25.11 -9.26 32.84
N ARG D 214 25.88 -9.81 33.77
CA ARG D 214 27.12 -10.50 33.44
C ARG D 214 27.14 -11.89 34.07
N ARG D 215 27.35 -11.93 35.38
CA ARG D 215 27.39 -13.15 36.18
C ARG D 215 28.76 -13.81 36.22
#